data_4IAJ
#
_entry.id   4IAJ
#
_cell.length_a   50.152
_cell.length_b   98.168
_cell.length_c   68.930
_cell.angle_alpha   90.000
_cell.angle_beta   107.200
_cell.angle_gamma   90.000
#
_symmetry.space_group_name_H-M   'P 1 21 1'
#
loop_
_entity.id
_entity.type
_entity.pdbx_description
1 polymer 'Conserved domain protein'
2 non-polymer 'UNKNOWN LIGAND'
3 non-polymer 'UNKNOWN ATOM OR ION'
4 non-polymer 1,2-ETHANEDIOL
5 non-polymer 'MAGNESIUM ION'
6 water water
#
_entity_poly.entity_id   1
_entity_poly.type   'polypeptide(L)'
_entity_poly.pdbx_seq_one_letter_code
;GGVLN(MSE)IEITYIDASKNERTVTFESYEDFERSQQACLIGVADYYPVQKLTYKGHNLDYHGTYGDIFFYL(MSE)KQ
DLSQYN
;
_entity_poly.pdbx_strand_id   A,B,C,D,E,F,G,H
#
loop_
_chem_comp.id
_chem_comp.type
_chem_comp.name
_chem_comp.formula
EDO non-polymer 1,2-ETHANEDIOL 'C2 H6 O2'
MG non-polymer 'MAGNESIUM ION' 'Mg 2'
UNL non-polymer 'UNKNOWN LIGAND' ?
UNX non-polymer 'UNKNOWN ATOM OR ION' ?
#
# COMPACT_ATOMS: atom_id res chain seq x y z
N VAL A 3 -12.27 27.56 23.25
CA VAL A 3 -11.67 26.35 22.62
C VAL A 3 -10.61 26.78 21.59
N LEU A 4 -9.38 26.30 21.76
CA LEU A 4 -8.29 26.60 20.81
C LEU A 4 -8.58 26.00 19.42
N ASN A 5 -8.74 24.67 19.37
CA ASN A 5 -9.00 23.94 18.13
C ASN A 5 -10.28 23.13 18.18
N MSE A 6 -10.99 23.09 17.07
CA MSE A 6 -12.28 22.42 17.02
C MSE A 6 -12.17 20.92 17.22
O MSE A 6 -13.03 20.34 17.87
CB MSE A 6 -12.94 22.67 15.67
CG MSE A 6 -14.41 22.33 15.79
SE MSE A 6 -15.40 22.81 14.18
CE MSE A 6 -15.07 24.73 14.16
N ILE A 7 -11.14 20.29 16.67
CA ILE A 7 -10.92 18.83 16.80
C ILE A 7 -9.55 18.55 17.39
N GLU A 8 -9.52 17.77 18.47
CA GLU A 8 -8.28 17.34 19.10
CA GLU A 8 -8.26 17.33 19.08
C GLU A 8 -8.34 15.82 19.25
N ILE A 9 -7.31 15.12 18.76
CA ILE A 9 -7.27 13.67 18.81
C ILE A 9 -5.96 13.23 19.43
N THR A 10 -6.06 12.37 20.45
CA THR A 10 -4.88 11.73 21.02
C THR A 10 -4.95 10.23 20.77
N TYR A 11 -3.86 9.68 20.24
CA TYR A 11 -3.77 8.26 19.91
C TYR A 11 -2.44 7.71 20.34
N ILE A 12 -2.33 6.38 20.34
CA ILE A 12 -1.12 5.69 20.75
C ILE A 12 -0.45 5.11 19.53
N ASP A 13 0.78 5.53 19.24
CA ASP A 13 1.47 5.04 18.03
C ASP A 13 2.20 3.72 18.32
N ALA A 14 2.91 3.20 17.32
CA ALA A 14 3.51 1.86 17.43
C ALA A 14 4.63 1.76 18.46
N SER A 15 5.21 2.88 18.85
CA SER A 15 6.20 2.88 19.90
C SER A 15 5.56 3.01 21.29
N LYS A 16 4.23 2.85 21.35
CA LYS A 16 3.43 3.03 22.56
C LYS A 16 3.66 4.40 23.19
N ASN A 17 3.70 5.43 22.35
CA ASN A 17 3.72 6.81 22.83
C ASN A 17 2.44 7.51 22.42
N GLU A 18 1.98 8.41 23.29
CA GLU A 18 0.82 9.23 23.03
C GLU A 18 1.19 10.35 22.08
N ARG A 19 0.39 10.53 21.05
CA ARG A 19 0.55 11.61 20.09
C ARG A 19 -0.76 12.36 19.98
N THR A 20 -0.71 13.68 19.88
CA THR A 20 -1.90 14.52 19.78
C THR A 20 -1.83 15.33 18.48
N VAL A 21 -2.93 15.34 17.72
CA VAL A 21 -3.03 16.18 16.52
C VAL A 21 -4.27 17.05 16.67
N THR A 22 -4.25 18.22 16.07
CA THR A 22 -5.38 19.12 16.18
C THR A 22 -5.79 19.63 14.81
N PHE A 23 -7.08 19.92 14.67
CA PHE A 23 -7.59 20.59 13.48
C PHE A 23 -8.40 21.82 13.90
N GLU A 24 -8.08 22.96 13.31
CA GLU A 24 -8.73 24.20 13.66
C GLU A 24 -10.20 24.14 13.31
N SER A 25 -10.53 23.58 12.15
CA SER A 25 -11.91 23.46 11.71
C SER A 25 -12.23 22.02 11.30
N TYR A 26 -13.53 21.71 11.21
CA TYR A 26 -13.95 20.43 10.66
C TYR A 26 -13.46 20.28 9.21
N GLU A 27 -13.54 21.37 8.45
CA GLU A 27 -13.12 21.33 7.06
C GLU A 27 -11.62 21.03 6.94
N ASP A 28 -10.80 21.49 7.88
CA ASP A 28 -9.37 21.10 7.92
C ASP A 28 -9.23 19.59 8.10
N PHE A 29 -10.06 19.04 8.97
CA PHE A 29 -10.07 17.60 9.26
C PHE A 29 -10.49 16.79 8.01
N GLU A 30 -11.54 17.25 7.31
CA GLU A 30 -11.99 16.62 6.08
C GLU A 30 -10.93 16.66 4.97
N ARG A 31 -10.30 17.81 4.78
CA ARG A 31 -9.22 17.94 3.80
C ARG A 31 -8.05 16.99 4.07
N SER A 32 -7.74 16.75 5.34
CA SER A 32 -6.67 15.82 5.69
C SER A 32 -7.05 14.36 5.43
N GLN A 33 -8.34 14.04 5.52
N GLN A 33 -8.34 14.07 5.57
CA GLN A 33 -8.81 12.71 5.16
CA GLN A 33 -8.90 12.79 5.16
C GLN A 33 -8.87 12.51 3.63
C GLN A 33 -8.73 12.58 3.65
N GLN A 34 -9.13 13.57 2.87
CA GLN A 34 -9.09 13.48 1.42
C GLN A 34 -7.64 13.40 0.91
N ALA A 35 -6.69 13.95 1.66
CA ALA A 35 -5.34 14.13 1.14
C ALA A 35 -4.51 12.84 1.15
N CYS A 36 -4.79 11.96 2.10
CA CYS A 36 -4.00 10.71 2.24
C CYS A 36 -4.69 9.54 1.58
N LEU A 37 -3.93 8.79 0.78
CA LEU A 37 -4.39 7.49 0.33
C LEU A 37 -4.49 6.57 1.56
N ILE A 38 -3.45 6.57 2.38
CA ILE A 38 -3.44 5.92 3.70
C ILE A 38 -2.80 6.90 4.70
N GLY A 39 -3.49 7.14 5.81
CA GLY A 39 -2.96 7.99 6.87
C GLY A 39 -2.01 7.18 7.74
N VAL A 40 -0.90 7.79 8.16
CA VAL A 40 0.08 7.10 9.00
C VAL A 40 -0.59 6.49 10.22
N ALA A 41 -1.55 7.22 10.76
CA ALA A 41 -2.16 6.89 12.06
C ALA A 41 -3.45 6.07 11.98
N ASP A 42 -3.87 5.64 10.79
CA ASP A 42 -5.23 5.11 10.61
C ASP A 42 -5.57 3.92 11.50
N TYR A 43 -4.59 3.08 11.82
CA TYR A 43 -4.82 1.86 12.59
C TYR A 43 -4.49 2.03 14.06
N TYR A 44 -4.20 3.26 14.48
CA TYR A 44 -3.84 3.52 15.85
C TYR A 44 -5.07 3.70 16.75
N PRO A 45 -5.03 3.14 17.98
CA PRO A 45 -6.13 3.34 18.89
C PRO A 45 -6.18 4.76 19.45
N VAL A 46 -7.38 5.28 19.59
CA VAL A 46 -7.62 6.66 20.01
C VAL A 46 -7.88 6.70 21.51
N GLN A 47 -7.06 7.48 22.21
CA GLN A 47 -7.20 7.64 23.66
C GLN A 47 -8.21 8.75 24.02
N LYS A 48 -8.28 9.79 23.19
CA LYS A 48 -9.25 10.86 23.42
C LYS A 48 -9.61 11.57 22.13
N LEU A 49 -10.91 11.85 21.97
CA LEU A 49 -11.45 12.63 20.87
C LEU A 49 -12.27 13.76 21.46
N THR A 50 -11.87 14.98 21.13
CA THR A 50 -12.53 16.17 21.65
C THR A 50 -13.03 17.00 20.48
N TYR A 51 -14.33 17.29 20.50
CA TYR A 51 -14.95 18.12 19.47
C TYR A 51 -15.51 19.40 20.12
N LYS A 52 -15.03 20.55 19.67
CA LYS A 52 -15.43 21.84 20.24
C LYS A 52 -15.35 21.85 21.76
N GLY A 53 -14.31 21.22 22.30
CA GLY A 53 -14.09 21.23 23.75
C GLY A 53 -14.79 20.09 24.48
N HIS A 54 -15.61 19.32 23.78
CA HIS A 54 -16.40 18.25 24.37
C HIS A 54 -15.74 16.91 24.16
N ASN A 55 -15.49 16.17 25.23
CA ASN A 55 -14.96 14.81 25.11
CA ASN A 55 -14.98 14.81 25.11
C ASN A 55 -16.05 13.88 24.56
N LEU A 56 -15.80 13.30 23.39
CA LEU A 56 -16.78 12.40 22.78
C LEU A 56 -16.48 11.02 23.35
N ASP A 57 -17.43 10.11 23.35
CA ASP A 57 -17.16 8.91 24.13
C ASP A 57 -16.54 7.91 23.18
N TYR A 58 -15.39 8.23 22.60
CA TYR A 58 -14.99 7.51 21.38
C TYR A 58 -14.10 6.33 21.68
N HIS A 59 -14.55 5.18 21.20
CA HIS A 59 -13.82 3.93 21.28
C HIS A 59 -13.56 3.41 19.84
N GLY A 60 -12.33 3.55 19.39
CA GLY A 60 -12.02 3.08 18.05
C GLY A 60 -10.67 3.53 17.56
N THR A 61 -10.42 3.26 16.29
CA THR A 61 -9.18 3.61 15.65
C THR A 61 -9.24 5.01 15.09
N TYR A 62 -8.08 5.57 14.81
CA TYR A 62 -7.98 6.89 14.24
C TYR A 62 -8.72 6.94 12.92
N GLY A 63 -8.53 5.92 12.08
CA GLY A 63 -9.15 5.88 10.74
C GLY A 63 -10.67 5.87 10.70
N ASP A 64 -11.30 5.42 11.77
CA ASP A 64 -12.75 5.34 11.86
C ASP A 64 -13.38 6.65 12.38
N ILE A 65 -12.57 7.59 12.86
CA ILE A 65 -13.13 8.84 13.40
C ILE A 65 -13.96 9.60 12.36
N PHE A 66 -13.45 9.68 11.13
CA PHE A 66 -14.14 10.41 10.05
C PHE A 66 -15.56 9.93 9.86
N PHE A 67 -15.73 8.62 9.81
CA PHE A 67 -17.06 8.04 9.62
C PHE A 67 -17.94 8.17 10.87
N TYR A 68 -17.35 8.00 12.03
CA TYR A 68 -18.05 8.20 13.31
C TYR A 68 -18.67 9.60 13.41
N LEU A 69 -17.87 10.62 13.17
CA LEU A 69 -18.34 12.02 13.23
C LEU A 69 -19.44 12.29 12.22
N MSE A 70 -19.33 11.68 11.04
CA MSE A 70 -20.34 11.90 10.00
C MSE A 70 -21.67 11.31 10.36
O MSE A 70 -22.69 11.78 9.88
CB MSE A 70 -19.95 11.26 8.67
CG MSE A 70 -19.01 12.21 7.97
SE MSE A 70 -18.70 11.63 6.12
CE MSE A 70 -19.57 9.87 6.15
N LYS A 71 -21.67 10.26 11.17
CA LYS A 71 -22.93 9.64 11.57
C LYS A 71 -23.54 10.28 12.82
N GLN A 72 -22.76 11.04 13.59
CA GLN A 72 -23.28 11.73 14.76
C GLN A 72 -24.01 12.99 14.37
N ASP A 73 -25.10 13.28 15.09
CA ASP A 73 -25.62 14.64 15.16
C ASP A 73 -24.75 15.42 16.14
N LEU A 74 -23.94 16.32 15.62
CA LEU A 74 -23.00 17.07 16.44
C LEU A 74 -23.53 18.43 16.87
N SER A 75 -24.78 18.71 16.52
CA SER A 75 -25.36 20.04 16.73
C SER A 75 -25.51 20.34 18.21
N GLN A 76 -25.68 19.31 19.04
CA GLN A 76 -25.77 19.54 20.47
C GLN A 76 -24.49 20.19 21.01
N TYR A 77 -23.39 20.09 20.25
CA TYR A 77 -22.10 20.67 20.66
C TYR A 77 -21.83 22.05 20.13
N ASN A 78 -22.77 22.62 19.38
CA ASN A 78 -22.68 24.00 18.95
C ASN A 78 -22.96 25.01 20.07
N GLY B 2 0.14 39.84 2.66
CA GLY B 2 -0.02 40.08 1.20
C GLY B 2 -0.75 38.95 0.49
N VAL B 3 -0.30 37.72 0.75
CA VAL B 3 -0.86 36.50 0.17
C VAL B 3 -1.60 35.69 1.23
N LEU B 4 -2.79 35.21 0.91
CA LEU B 4 -3.57 34.46 1.91
C LEU B 4 -2.85 33.16 2.31
N ASN B 5 -2.38 32.41 1.33
CA ASN B 5 -1.70 31.13 1.58
C ASN B 5 -0.25 31.10 1.14
N MSE B 6 0.62 30.74 2.07
CA MSE B 6 2.03 30.62 1.75
C MSE B 6 2.32 29.58 0.66
O MSE B 6 3.22 29.80 -0.14
CB MSE B 6 2.84 30.28 2.99
CG MSE B 6 4.09 31.14 3.01
SE MSE B 6 5.06 30.60 4.61
CE MSE B 6 4.07 31.78 5.83
N ILE B 7 1.57 28.47 0.65
CA ILE B 7 1.75 27.43 -0.37
C ILE B 7 0.44 27.07 -1.08
N GLU B 8 0.47 27.11 -2.41
CA GLU B 8 -0.61 26.65 -3.26
C GLU B 8 -0.01 25.71 -4.28
N ILE B 9 -0.64 24.56 -4.48
CA ILE B 9 -0.13 23.55 -5.40
C ILE B 9 -1.26 23.12 -6.33
N THR B 10 -1.02 23.18 -7.63
CA THR B 10 -2.01 22.70 -8.59
C THR B 10 -1.39 21.53 -9.34
N TYR B 11 -2.15 20.45 -9.42
CA TYR B 11 -1.67 19.24 -10.09
C TYR B 11 -2.78 18.66 -10.94
N ILE B 12 -2.40 17.72 -11.80
CA ILE B 12 -3.33 17.09 -12.73
C ILE B 12 -3.52 15.67 -12.30
N ASP B 13 -4.77 15.27 -12.03
CA ASP B 13 -5.03 13.92 -11.54
C ASP B 13 -5.26 12.97 -12.71
N ALA B 14 -5.61 11.72 -12.40
CA ALA B 14 -5.72 10.68 -13.42
C ALA B 14 -6.95 10.86 -14.33
N SER B 15 -7.89 11.72 -13.92
CA SER B 15 -9.01 12.08 -14.77
C SER B 15 -8.63 13.24 -15.69
N LYS B 16 -7.37 13.67 -15.60
CA LYS B 16 -6.85 14.83 -16.37
C LYS B 16 -7.50 16.15 -15.99
N ASN B 17 -7.91 16.27 -14.73
CA ASN B 17 -8.47 17.50 -14.18
C ASN B 17 -7.51 18.17 -13.22
N GLU B 18 -7.51 19.49 -13.22
CA GLU B 18 -6.67 20.26 -12.33
C GLU B 18 -7.27 20.28 -10.93
N ARG B 19 -6.44 19.99 -9.95
CA ARG B 19 -6.78 20.09 -8.53
C ARG B 19 -5.87 21.07 -7.86
N THR B 20 -6.40 21.90 -6.98
CA THR B 20 -5.57 22.86 -6.24
C THR B 20 -5.72 22.61 -4.74
N VAL B 21 -4.59 22.48 -4.04
CA VAL B 21 -4.59 22.42 -2.58
C VAL B 21 -3.77 23.59 -2.07
N THR B 22 -4.10 24.07 -0.88
CA THR B 22 -3.43 25.22 -0.30
C THR B 22 -3.03 24.94 1.14
N PHE B 23 -1.96 25.58 1.57
CA PHE B 23 -1.50 25.49 2.94
C PHE B 23 -1.28 26.91 3.43
N GLU B 24 -1.88 27.22 4.58
CA GLU B 24 -1.81 28.56 5.15
C GLU B 24 -0.39 28.87 5.56
N SER B 25 0.29 27.88 6.14
CA SER B 25 1.69 28.01 6.49
C SER B 25 2.55 26.86 5.96
N TYR B 26 3.85 27.07 5.98
CA TYR B 26 4.82 26.05 5.63
C TYR B 26 4.71 24.86 6.58
N GLU B 27 4.56 25.15 7.88
CA GLU B 27 4.29 24.13 8.89
C GLU B 27 3.03 23.31 8.59
N ASP B 28 1.99 23.92 8.03
CA ASP B 28 0.78 23.15 7.68
C ASP B 28 1.12 22.12 6.59
N PHE B 29 1.97 22.53 5.66
CA PHE B 29 2.40 21.65 4.58
C PHE B 29 3.24 20.50 5.13
N GLU B 30 4.21 20.83 5.98
CA GLU B 30 5.04 19.81 6.62
C GLU B 30 4.22 18.81 7.43
N ARG B 31 3.28 19.32 8.21
CA ARG B 31 2.34 18.48 8.93
C ARG B 31 1.62 17.51 8.00
N SER B 32 1.15 18.00 6.84
CA SER B 32 0.43 17.14 5.88
C SER B 32 1.35 16.05 5.32
N GLN B 33 2.63 16.38 5.11
CA GLN B 33 3.57 15.39 4.61
CA GLN B 33 3.65 15.42 4.65
C GLN B 33 3.83 14.29 5.65
N GLN B 34 3.88 14.66 6.93
CA GLN B 34 4.07 13.68 8.00
C GLN B 34 2.83 12.82 8.24
N ALA B 35 1.66 13.38 7.97
CA ALA B 35 0.39 12.68 8.32
C ALA B 35 0.04 11.55 7.36
N CYS B 36 0.46 11.62 6.09
CA CYS B 36 0.16 10.58 5.11
C CYS B 36 1.27 9.55 5.01
N LEU B 37 0.90 8.29 5.10
CA LEU B 37 1.79 7.20 4.74
C LEU B 37 2.07 7.31 3.24
N ILE B 38 1.01 7.46 2.47
CA ILE B 38 1.07 7.79 1.05
C ILE B 38 -0.01 8.81 0.77
N GLY B 39 0.35 9.90 0.09
CA GLY B 39 -0.61 10.94 -0.27
C GLY B 39 -1.26 10.55 -1.57
N VAL B 40 -2.53 10.88 -1.71
CA VAL B 40 -3.31 10.58 -2.90
CA VAL B 40 -3.27 10.50 -2.91
C VAL B 40 -2.62 11.08 -4.16
N ALA B 41 -2.12 12.29 -4.06
CA ALA B 41 -1.61 13.01 -5.24
C ALA B 41 -0.12 12.79 -5.54
N ASP B 42 0.57 11.97 -4.74
CA ASP B 42 2.05 11.89 -4.77
C ASP B 42 2.67 11.63 -6.12
N TYR B 43 2.02 10.89 -6.99
CA TYR B 43 2.62 10.62 -8.32
C TYR B 43 2.06 11.53 -9.41
N TYR B 44 1.36 12.60 -9.03
CA TYR B 44 0.75 13.42 -10.03
C TYR B 44 1.70 14.55 -10.39
N PRO B 45 1.76 14.90 -11.70
CA PRO B 45 2.59 16.04 -12.09
C PRO B 45 2.04 17.36 -11.58
N VAL B 46 2.96 18.25 -11.19
CA VAL B 46 2.58 19.56 -10.67
C VAL B 46 2.55 20.57 -11.80
N GLN B 47 1.39 21.21 -11.94
CA GLN B 47 1.21 22.22 -12.95
C GLN B 47 1.65 23.59 -12.45
N LYS B 48 1.41 23.88 -11.17
CA LYS B 48 1.81 25.15 -10.57
C LYS B 48 2.17 25.01 -9.08
N LEU B 49 3.34 25.52 -8.68
CA LEU B 49 3.74 25.55 -7.27
C LEU B 49 4.02 27.01 -6.91
N THR B 50 3.23 27.54 -5.97
CA THR B 50 3.29 28.95 -5.62
C THR B 50 3.70 29.07 -4.15
N TYR B 51 4.82 29.73 -3.92
CA TYR B 51 5.35 29.95 -2.59
C TYR B 51 5.34 31.44 -2.24
N LYS B 52 4.56 31.81 -1.23
CA LYS B 52 4.33 33.21 -0.86
C LYS B 52 3.93 34.06 -2.07
N GLY B 53 3.14 33.47 -2.97
CA GLY B 53 2.67 34.16 -4.18
C GLY B 53 3.60 34.10 -5.38
N HIS B 54 4.82 33.60 -5.19
CA HIS B 54 5.78 33.45 -6.29
C HIS B 54 5.61 32.07 -6.91
N ASN B 55 5.40 32.05 -8.23
CA ASN B 55 5.34 30.79 -8.96
C ASN B 55 6.75 30.28 -9.06
N LEU B 56 7.06 29.20 -8.33
CA LEU B 56 8.39 28.62 -8.43
C LEU B 56 8.38 27.79 -9.70
N ASP B 57 9.52 27.77 -10.39
CA ASP B 57 9.63 27.08 -11.64
C ASP B 57 9.93 25.61 -11.36
N TYR B 58 8.91 24.87 -10.96
CA TYR B 58 9.08 23.49 -10.49
C TYR B 58 8.58 22.47 -11.52
N HIS B 59 9.37 21.44 -11.72
CA HIS B 59 9.04 20.40 -12.66
C HIS B 59 9.24 19.09 -11.92
N GLY B 60 8.13 18.43 -11.64
CA GLY B 60 8.18 17.19 -10.90
C GLY B 60 6.83 16.83 -10.37
N THR B 61 6.82 15.78 -9.56
CA THR B 61 5.62 15.22 -8.97
C THR B 61 5.28 15.95 -7.68
N TYR B 62 4.03 15.78 -7.25
CA TYR B 62 3.58 16.35 -6.01
C TYR B 62 4.43 15.80 -4.87
N GLY B 63 4.69 14.49 -4.90
CA GLY B 63 5.45 13.82 -3.86
C GLY B 63 6.85 14.34 -3.66
N ASP B 64 7.47 14.88 -4.71
CA ASP B 64 8.84 15.42 -4.60
C ASP B 64 8.93 16.89 -4.20
N ILE B 65 7.80 17.54 -3.99
CA ILE B 65 7.82 18.94 -3.55
C ILE B 65 8.47 19.15 -2.19
N PHE B 66 8.14 18.30 -1.23
CA PHE B 66 8.71 18.41 0.12
C PHE B 66 10.24 18.49 0.09
N PHE B 67 10.88 17.59 -0.66
CA PHE B 67 12.34 17.56 -0.71
C PHE B 67 12.91 18.73 -1.52
N TYR B 68 12.28 19.05 -2.64
CA TYR B 68 12.65 20.23 -3.44
C TYR B 68 12.70 21.49 -2.58
N LEU B 69 11.63 21.79 -1.86
CA LEU B 69 11.54 23.01 -1.06
C LEU B 69 12.60 23.05 0.01
N MSE B 70 12.89 21.89 0.61
CA MSE B 70 13.85 21.80 1.71
C MSE B 70 15.25 22.13 1.27
O MSE B 70 16.05 22.56 2.08
CB MSE B 70 13.92 20.38 2.24
CG MSE B 70 13.38 20.29 3.65
SE MSE B 70 13.54 18.42 4.22
CE MSE B 70 14.73 17.56 2.93
N LYS B 71 15.54 21.92 -0.02
CA LYS B 71 16.88 22.15 -0.57
CA LYS B 71 16.90 22.15 -0.51
C LYS B 71 17.03 23.53 -1.18
N GLN B 72 15.91 24.17 -1.50
CA GLN B 72 15.93 25.54 -2.04
C GLN B 72 16.33 26.56 -0.97
N ASP B 73 17.08 27.58 -1.39
CA ASP B 73 17.26 28.77 -0.57
C ASP B 73 16.06 29.66 -0.83
N LEU B 74 15.13 29.69 0.12
CA LEU B 74 13.90 30.48 -0.02
C LEU B 74 14.02 31.88 0.57
N SER B 75 15.20 32.21 1.07
CA SER B 75 15.41 33.54 1.69
C SER B 75 15.12 34.68 0.72
N GLN B 76 15.25 34.45 -0.59
CA GLN B 76 15.01 35.52 -1.57
C GLN B 76 13.54 35.89 -1.65
N TYR B 77 12.68 35.05 -1.10
CA TYR B 77 11.28 35.39 -0.95
C TYR B 77 10.99 35.88 0.47
N ASN B 78 12.07 36.07 1.26
CA ASN B 78 12.11 36.34 2.73
C ASN B 78 11.97 35.13 3.67
N LEU C 4 8.56 -34.20 -2.44
CA LEU C 4 9.52 -33.70 -1.41
C LEU C 4 9.77 -32.20 -1.59
N ASN C 5 9.30 -31.40 -0.64
CA ASN C 5 9.47 -29.95 -0.68
C ASN C 5 10.82 -29.50 -0.18
N MSE C 6 11.51 -28.73 -0.98
CA MSE C 6 12.79 -28.20 -0.55
C MSE C 6 12.71 -27.15 0.56
O MSE C 6 13.60 -27.08 1.42
CB MSE C 6 13.42 -27.56 -1.77
CG MSE C 6 14.80 -27.12 -1.37
SE MSE C 6 15.77 -26.83 -3.02
CE MSE C 6 15.78 -28.70 -3.57
N ILE C 7 11.68 -26.31 0.53
CA ILE C 7 11.57 -25.22 1.51
C ILE C 7 10.22 -25.30 2.19
N GLU C 8 10.22 -25.27 3.51
CA GLU C 8 9.00 -25.22 4.31
C GLU C 8 9.13 -24.08 5.31
N ILE C 9 8.10 -23.24 5.37
CA ILE C 9 8.14 -22.08 6.26
C ILE C 9 6.86 -22.10 7.07
N THR C 10 7.01 -22.07 8.39
CA THR C 10 5.89 -21.94 9.29
C THR C 10 5.99 -20.59 9.94
N TYR C 11 4.89 -19.85 9.93
CA TYR C 11 4.84 -18.54 10.54
C TYR C 11 3.52 -18.37 11.29
N ILE C 12 3.44 -17.36 12.16
CA ILE C 12 2.23 -17.10 12.93
C ILE C 12 1.55 -15.89 12.38
N ASP C 13 0.29 -16.03 12.02
CA ASP C 13 -0.43 -14.91 11.39
C ASP C 13 -1.12 -14.01 12.46
N ALA C 14 -1.88 -13.02 12.03
CA ALA C 14 -2.45 -12.02 12.95
C ALA C 14 -3.61 -12.57 13.79
N SER C 15 -4.10 -13.76 13.46
CA SER C 15 -5.04 -14.48 14.29
C SER C 15 -4.33 -15.36 15.33
N LYS C 16 -2.99 -15.30 15.39
CA LYS C 16 -2.18 -16.13 16.29
C LYS C 16 -2.29 -17.60 15.95
N ASN C 17 -2.52 -17.89 14.67
CA ASN C 17 -2.51 -19.26 14.16
C ASN C 17 -1.24 -19.55 13.34
N GLU C 18 -0.71 -20.75 13.51
CA GLU C 18 0.43 -21.23 12.72
CA GLU C 18 0.43 -21.22 12.73
C GLU C 18 -0.02 -21.55 11.30
N ARG C 19 0.72 -21.07 10.31
CA ARG C 19 0.45 -21.34 8.91
C ARG C 19 1.73 -21.86 8.30
N THR C 20 1.63 -22.80 7.37
CA THR C 20 2.81 -23.39 6.73
C THR C 20 2.68 -23.24 5.22
N VAL C 21 3.74 -22.73 4.59
CA VAL C 21 3.82 -22.72 3.14
CA VAL C 21 3.86 -22.64 3.14
C VAL C 21 5.06 -23.48 2.68
N THR C 22 4.96 -24.08 1.50
CA THR C 22 6.07 -24.89 0.98
C THR C 22 6.37 -24.53 -0.46
N PHE C 23 7.63 -24.73 -0.84
CA PHE C 23 8.10 -24.52 -2.19
C PHE C 23 8.95 -25.73 -2.63
N GLU C 24 8.77 -26.15 -3.86
CA GLU C 24 9.45 -27.34 -4.37
C GLU C 24 10.91 -27.07 -4.76
N SER C 25 11.21 -25.83 -5.10
CA SER C 25 12.52 -25.41 -5.50
C SER C 25 12.79 -24.02 -5.00
N TYR C 26 14.06 -23.66 -4.91
CA TYR C 26 14.45 -22.31 -4.56
C TYR C 26 13.90 -21.32 -5.60
N GLU C 27 13.97 -21.72 -6.86
CA GLU C 27 13.40 -20.96 -7.95
C GLU C 27 11.92 -20.61 -7.71
N ASP C 28 11.13 -21.59 -7.28
CA ASP C 28 9.70 -21.34 -6.97
C ASP C 28 9.54 -20.31 -5.86
N PHE C 29 10.40 -20.39 -4.83
CA PHE C 29 10.44 -19.38 -3.78
C PHE C 29 10.84 -17.98 -4.32
N GLU C 30 11.90 -17.90 -5.09
CA GLU C 30 12.27 -16.61 -5.70
C GLU C 30 11.15 -16.01 -6.57
N ARG C 31 10.52 -16.82 -7.40
CA ARG C 31 9.41 -16.36 -8.25
CA ARG C 31 9.44 -16.31 -8.25
C ARG C 31 8.28 -15.75 -7.40
N SER C 32 7.93 -16.44 -6.31
CA SER C 32 6.91 -15.93 -5.38
C SER C 32 7.31 -14.57 -4.78
N GLN C 33 8.61 -14.36 -4.54
CA GLN C 33 9.05 -13.08 -4.03
CA GLN C 33 9.12 -13.07 -4.07
C GLN C 33 8.95 -11.99 -5.12
N GLN C 34 9.27 -12.33 -6.35
CA GLN C 34 9.20 -11.39 -7.43
C GLN C 34 7.74 -11.03 -7.76
N ALA C 35 6.82 -11.97 -7.57
CA ALA C 35 5.42 -11.77 -7.99
C ALA C 35 4.62 -10.78 -7.14
N CYS C 36 4.94 -10.65 -5.85
CA CYS C 36 4.15 -9.79 -4.93
C CYS C 36 4.79 -8.43 -4.77
N LEU C 37 4.01 -7.37 -4.94
CA LEU C 37 4.43 -6.03 -4.53
C LEU C 37 4.62 -6.05 -3.00
N ILE C 38 3.63 -6.62 -2.31
CA ILE C 38 3.72 -6.93 -0.88
C ILE C 38 3.12 -8.31 -0.65
N GLY C 39 3.86 -9.20 0.01
CA GLY C 39 3.35 -10.53 0.36
C GLY C 39 2.44 -10.43 1.58
N VAL C 40 1.36 -11.21 1.64
CA VAL C 40 0.46 -11.17 2.79
CA VAL C 40 0.45 -11.13 2.81
C VAL C 40 1.20 -11.38 4.11
N ALA C 41 2.19 -12.29 4.08
CA ALA C 41 2.83 -12.75 5.32
C ALA C 41 4.11 -12.01 5.65
N ASP C 42 4.47 -10.99 4.86
CA ASP C 42 5.80 -10.40 4.97
C ASP C 42 6.21 -9.93 6.38
N TYR C 43 5.25 -9.45 7.19
CA TYR C 43 5.56 -8.99 8.56
C TYR C 43 5.35 -10.01 9.68
N TYR C 44 5.08 -11.24 9.31
CA TYR C 44 4.77 -12.25 10.30
C TYR C 44 6.06 -12.95 10.79
N PRO C 45 6.14 -13.27 12.11
CA PRO C 45 7.28 -13.98 12.70
C PRO C 45 7.37 -15.42 12.22
N VAL C 46 8.59 -15.87 11.91
CA VAL C 46 8.79 -17.23 11.43
C VAL C 46 9.02 -18.15 12.61
N GLN C 47 8.27 -19.25 12.68
CA GLN C 47 8.45 -20.22 13.76
CA GLN C 47 8.41 -20.24 13.75
C GLN C 47 9.46 -21.28 13.37
N LYS C 48 9.50 -21.61 12.08
CA LYS C 48 10.40 -22.64 11.59
C LYS C 48 10.70 -22.40 10.12
N LEU C 49 11.97 -22.48 9.76
CA LEU C 49 12.41 -22.41 8.38
C LEU C 49 13.22 -23.64 8.13
N THR C 50 12.75 -24.47 7.21
CA THR C 50 13.39 -25.75 6.89
C THR C 50 13.82 -25.76 5.43
N TYR C 51 15.06 -26.22 5.18
CA TYR C 51 15.63 -26.31 3.84
C TYR C 51 16.22 -27.69 3.67
N LYS C 52 15.69 -28.44 2.72
CA LYS C 52 16.13 -29.83 2.46
C LYS C 52 16.12 -30.66 3.75
N GLY C 53 15.06 -30.47 4.52
CA GLY C 53 14.85 -31.19 5.76
C GLY C 53 15.65 -30.66 6.95
N HIS C 54 16.49 -29.64 6.76
CA HIS C 54 17.28 -29.06 7.85
C HIS C 54 16.62 -27.79 8.40
N ASN C 55 16.48 -27.75 9.72
CA ASN C 55 15.93 -26.58 10.36
CA ASN C 55 15.94 -26.57 10.39
C ASN C 55 17.03 -25.52 10.46
N LEU C 56 16.82 -24.39 9.79
CA LEU C 56 17.79 -23.30 9.80
C LEU C 56 17.58 -22.49 11.06
N ASP C 57 18.60 -21.79 11.54
CA ASP C 57 18.47 -21.18 12.86
C ASP C 57 17.95 -19.75 12.65
N TYR C 58 16.74 -19.64 12.11
CA TYR C 58 16.30 -18.35 11.55
C TYR C 58 15.40 -17.66 12.52
N HIS C 59 15.76 -16.44 12.88
CA HIS C 59 14.98 -15.61 13.77
C HIS C 59 14.65 -14.33 13.03
N GLY C 60 13.41 -14.22 12.58
CA GLY C 60 13.03 -13.09 11.78
C GLY C 60 11.67 -13.18 11.17
N THR C 61 11.36 -12.18 10.35
CA THR C 61 10.08 -12.12 9.68
C THR C 61 10.09 -12.95 8.40
N TYR C 62 8.91 -13.24 7.90
CA TYR C 62 8.75 -13.94 6.65
C TYR C 62 9.42 -13.14 5.53
N GLY C 63 9.17 -11.83 5.48
CA GLY C 63 9.71 -10.97 4.42
C GLY C 63 11.24 -10.91 4.38
N ASP C 64 11.91 -11.19 5.50
CA ASP C 64 13.38 -11.16 5.49
C ASP C 64 14.02 -12.48 5.07
N ILE C 65 13.23 -13.55 4.86
CA ILE C 65 13.81 -14.85 4.54
C ILE C 65 14.63 -14.80 3.27
N PHE C 66 14.11 -14.10 2.27
CA PHE C 66 14.74 -14.04 0.93
C PHE C 66 16.17 -13.52 1.03
N PHE C 67 16.35 -12.43 1.76
CA PHE C 67 17.68 -11.84 1.91
C PHE C 67 18.59 -12.69 2.80
N TYR C 68 18.02 -13.35 3.80
CA TYR C 68 18.77 -14.27 4.65
C TYR C 68 19.30 -15.45 3.83
N LEU C 69 18.44 -16.08 3.03
CA LEU C 69 18.82 -17.29 2.29
C LEU C 69 19.91 -17.01 1.26
N MSE C 70 19.88 -15.81 0.68
CA MSE C 70 20.88 -15.37 -0.30
C MSE C 70 22.25 -15.20 0.27
O MSE C 70 23.22 -15.21 -0.50
CB MSE C 70 20.49 -13.99 -0.84
CG MSE C 70 19.74 -14.15 -2.12
SE MSE C 70 19.32 -12.36 -2.83
CE MSE C 70 19.93 -11.07 -1.51
N LYS C 71 22.36 -15.00 1.57
CA LYS C 71 23.67 -14.83 2.20
C LYS C 71 24.21 -16.16 2.75
N GLN C 72 23.38 -17.20 2.80
CA GLN C 72 23.77 -18.50 3.32
C GLN C 72 24.46 -19.30 2.26
N ASP C 73 25.42 -20.13 2.64
CA ASP C 73 25.92 -21.18 1.73
C ASP C 73 25.02 -22.41 1.85
N LEU C 74 24.06 -22.52 0.94
CA LEU C 74 23.05 -23.59 1.01
C LEU C 74 23.60 -24.94 0.58
N SER C 75 24.77 -24.94 -0.06
CA SER C 75 25.44 -26.19 -0.47
C SER C 75 25.83 -27.09 0.71
N GLN C 76 25.82 -26.53 1.93
CA GLN C 76 26.11 -27.31 3.14
C GLN C 76 24.95 -28.23 3.55
N TYR C 77 23.79 -28.07 2.91
CA TYR C 77 22.58 -28.80 3.28
C TYR C 77 22.23 -29.84 2.23
N ASN C 78 22.38 -31.11 2.58
CA ASN C 78 22.08 -32.21 1.67
C ASN C 78 21.39 -33.37 2.36
N LEU D 4 -32.19 -13.43 8.35
CA LEU D 4 -31.84 -12.06 7.84
C LEU D 4 -30.71 -12.12 6.81
N ASN D 5 -29.46 -12.26 7.29
CA ASN D 5 -28.30 -12.15 6.42
C ASN D 5 -27.51 -13.43 6.31
N MSE D 6 -27.22 -13.81 5.07
CA MSE D 6 -26.55 -15.07 4.80
C MSE D 6 -25.16 -15.12 5.41
O MSE D 6 -24.72 -16.18 5.85
CB MSE D 6 -26.48 -15.29 3.28
CG MSE D 6 -26.57 -16.76 2.93
SE MSE D 6 -25.98 -17.02 1.08
CE MSE D 6 -27.66 -16.43 0.23
N ILE D 7 -24.46 -14.00 5.48
CA ILE D 7 -23.11 -14.02 6.02
C ILE D 7 -22.93 -12.93 7.08
N GLU D 8 -22.44 -13.33 8.26
CA GLU D 8 -22.11 -12.39 9.33
C GLU D 8 -20.70 -12.64 9.81
N ILE D 9 -19.94 -11.56 9.93
CA ILE D 9 -18.55 -11.62 10.31
C ILE D 9 -18.29 -10.63 11.44
N THR D 10 -17.80 -11.15 12.55
CA THR D 10 -17.36 -10.31 13.66
CA THR D 10 -17.37 -10.32 13.68
C THR D 10 -15.87 -10.46 13.85
N TYR D 11 -15.18 -9.33 13.95
CA TYR D 11 -13.74 -9.32 14.12
C TYR D 11 -13.35 -8.32 15.16
N ILE D 12 -12.10 -8.38 15.61
CA ILE D 12 -11.58 -7.43 16.58
C ILE D 12 -10.64 -6.49 15.88
N ASP D 13 -10.88 -5.19 15.94
CA ASP D 13 -9.99 -4.21 15.27
C ASP D 13 -8.81 -3.80 16.15
N ALA D 14 -8.02 -2.83 15.69
CA ALA D 14 -6.75 -2.52 16.38
C ALA D 14 -6.97 -1.75 17.67
N SER D 15 -8.19 -1.26 17.90
CA SER D 15 -8.56 -0.63 19.17
C SER D 15 -9.15 -1.63 20.16
N LYS D 16 -9.08 -2.91 19.81
CA LYS D 16 -9.63 -4.01 20.62
C LYS D 16 -11.16 -4.02 20.70
N ASN D 17 -11.82 -3.37 19.74
CA ASN D 17 -13.27 -3.35 19.70
C ASN D 17 -13.81 -4.35 18.68
N GLU D 18 -14.90 -5.00 19.05
CA GLU D 18 -15.61 -5.92 18.18
CA GLU D 18 -15.63 -5.93 18.21
C GLU D 18 -16.39 -5.13 17.15
N ARG D 19 -16.24 -5.52 15.88
CA ARG D 19 -16.96 -4.93 14.77
C ARG D 19 -17.64 -6.07 14.01
N THR D 20 -18.85 -5.84 13.51
CA THR D 20 -19.59 -6.86 12.79
C THR D 20 -20.00 -6.34 11.43
N VAL D 21 -19.73 -7.12 10.39
CA VAL D 21 -20.19 -6.77 9.05
C VAL D 21 -21.05 -7.91 8.52
N THR D 22 -21.97 -7.57 7.64
CA THR D 22 -22.91 -8.54 7.13
C THR D 22 -23.01 -8.42 5.62
N PHE D 23 -23.35 -9.54 4.99
CA PHE D 23 -23.54 -9.60 3.56
C PHE D 23 -24.82 -10.37 3.29
N GLU D 24 -25.68 -9.83 2.43
CA GLU D 24 -26.96 -10.44 2.09
C GLU D 24 -26.83 -11.77 1.34
N SER D 25 -25.80 -11.89 0.51
CA SER D 25 -25.55 -13.11 -0.25
C SER D 25 -24.07 -13.34 -0.39
N TYR D 26 -23.68 -14.56 -0.80
CA TYR D 26 -22.29 -14.88 -1.09
C TYR D 26 -21.72 -13.97 -2.20
N GLU D 27 -22.56 -13.61 -3.16
CA GLU D 27 -22.14 -12.79 -4.29
C GLU D 27 -21.82 -11.36 -3.86
N ASP D 28 -22.62 -10.83 -2.91
CA ASP D 28 -22.31 -9.54 -2.29
C ASP D 28 -20.96 -9.59 -1.60
N PHE D 29 -20.68 -10.68 -0.88
CA PHE D 29 -19.38 -10.84 -0.25
C PHE D 29 -18.27 -10.88 -1.28
N GLU D 30 -18.48 -11.64 -2.36
CA GLU D 30 -17.53 -11.69 -3.46
CA GLU D 30 -17.55 -11.69 -3.48
C GLU D 30 -17.31 -10.30 -4.08
N ARG D 31 -18.36 -9.51 -4.21
CA ARG D 31 -18.26 -8.17 -4.79
CA ARG D 31 -18.26 -8.17 -4.79
C ARG D 31 -17.40 -7.25 -3.93
N SER D 32 -17.55 -7.35 -2.61
CA SER D 32 -16.71 -6.55 -1.71
C SER D 32 -15.24 -6.94 -1.85
N GLN D 33 -14.97 -8.23 -2.03
CA GLN D 33 -13.59 -8.71 -2.16
C GLN D 33 -12.95 -8.20 -3.42
N GLN D 34 -13.69 -8.21 -4.53
CA GLN D 34 -13.14 -7.75 -5.80
C GLN D 34 -12.98 -6.24 -5.83
N ALA D 35 -13.85 -5.55 -5.11
CA ALA D 35 -13.84 -4.07 -5.05
C ALA D 35 -12.61 -3.45 -4.36
N CYS D 36 -12.12 -4.06 -3.27
CA CYS D 36 -11.02 -3.49 -2.50
C CYS D 36 -9.68 -4.03 -3.00
N LEU D 37 -8.74 -3.14 -3.19
CA LEU D 37 -7.34 -3.51 -3.37
C LEU D 37 -6.82 -4.09 -2.05
N ILE D 38 -7.07 -3.36 -0.97
CA ILE D 38 -6.87 -3.86 0.40
C ILE D 38 -8.07 -3.47 1.24
N GLY D 39 -8.64 -4.43 1.94
CA GLY D 39 -9.80 -4.21 2.80
C GLY D 39 -9.29 -3.78 4.14
N VAL D 40 -10.00 -2.86 4.80
CA VAL D 40 -9.51 -2.30 6.06
CA VAL D 40 -9.47 -2.29 6.05
C VAL D 40 -9.30 -3.39 7.10
N ALA D 41 -10.17 -4.38 7.09
CA ALA D 41 -10.19 -5.42 8.13
C ALA D 41 -9.33 -6.66 7.85
N ASP D 42 -8.61 -6.69 6.74
CA ASP D 42 -8.02 -7.94 6.23
C ASP D 42 -7.10 -8.66 7.19
N TYR D 43 -6.39 -7.93 8.04
CA TYR D 43 -5.49 -8.53 9.01
C TYR D 43 -6.09 -8.70 10.41
N TYR D 44 -7.40 -8.52 10.54
CA TYR D 44 -8.01 -8.57 11.86
C TYR D 44 -8.49 -10.00 12.17
N PRO D 45 -8.28 -10.46 13.42
CA PRO D 45 -8.75 -11.81 13.77
C PRO D 45 -10.25 -11.89 13.81
N VAL D 46 -10.79 -13.00 13.33
CA VAL D 46 -12.22 -13.20 13.28
C VAL D 46 -12.68 -13.91 14.56
N GLN D 47 -13.71 -13.37 15.20
N GLN D 47 -13.69 -13.33 15.21
CA GLN D 47 -14.26 -13.98 16.40
CA GLN D 47 -14.29 -13.90 16.41
C GLN D 47 -15.44 -14.87 16.08
C GLN D 47 -15.38 -14.89 16.03
N LYS D 48 -16.16 -14.55 15.00
CA LYS D 48 -17.29 -15.36 14.57
C LYS D 48 -17.52 -15.23 13.08
N LEU D 49 -17.71 -16.36 12.43
CA LEU D 49 -18.15 -16.40 11.05
C LEU D 49 -19.44 -17.23 10.98
N THR D 50 -20.52 -16.62 10.52
CA THR D 50 -21.81 -17.32 10.41
C THR D 50 -22.29 -17.35 8.95
N TYR D 51 -22.73 -18.53 8.51
CA TYR D 51 -23.24 -18.71 7.15
C TYR D 51 -24.63 -19.32 7.22
N LYS D 52 -25.63 -18.60 6.73
CA LYS D 52 -27.03 -19.03 6.84
C LYS D 52 -27.38 -19.44 8.28
N GLY D 53 -26.96 -18.64 9.24
CA GLY D 53 -27.29 -18.88 10.65
C GLY D 53 -26.36 -19.84 11.38
N HIS D 54 -25.47 -20.50 10.65
CA HIS D 54 -24.60 -21.52 11.21
C HIS D 54 -23.22 -20.96 11.51
N ASN D 55 -22.78 -21.15 12.75
CA ASN D 55 -21.45 -20.72 13.17
CA ASN D 55 -21.46 -20.70 13.16
C ASN D 55 -20.40 -21.67 12.61
N LEU D 56 -19.61 -21.21 11.64
CA LEU D 56 -18.59 -22.06 11.04
C LEU D 56 -17.45 -22.02 12.04
N ASP D 57 -16.63 -23.05 12.08
CA ASP D 57 -15.65 -23.07 13.17
C ASP D 57 -14.38 -22.41 12.69
N TYR D 58 -14.49 -21.15 12.29
CA TYR D 58 -13.44 -20.50 11.55
C TYR D 58 -12.45 -19.86 12.51
N HIS D 59 -11.17 -20.17 12.32
CA HIS D 59 -10.08 -19.58 13.06
C HIS D 59 -9.10 -18.99 12.08
N GLY D 60 -9.08 -17.66 11.97
CA GLY D 60 -8.22 -17.02 10.99
C GLY D 60 -8.48 -15.53 10.90
N THR D 61 -7.80 -14.88 9.95
CA THR D 61 -8.01 -13.46 9.69
C THR D 61 -9.19 -13.20 8.76
N TYR D 62 -9.67 -11.96 8.75
CA TYR D 62 -10.77 -11.56 7.89
C TYR D 62 -10.36 -11.82 6.44
N GLY D 63 -9.13 -11.47 6.13
CA GLY D 63 -8.61 -11.62 4.77
C GLY D 63 -8.58 -13.03 4.24
N ASP D 64 -8.53 -14.04 5.10
CA ASP D 64 -8.50 -15.44 4.67
C ASP D 64 -9.89 -16.08 4.52
N ILE D 65 -10.95 -15.34 4.85
CA ILE D 65 -12.31 -15.89 4.78
C ILE D 65 -12.70 -16.28 3.35
N PHE D 66 -12.38 -15.42 2.39
CA PHE D 66 -12.82 -15.66 1.01
C PHE D 66 -12.35 -17.00 0.50
N PHE D 67 -11.05 -17.26 0.56
CA PHE D 67 -10.51 -18.54 0.13
C PHE D 67 -11.05 -19.69 0.97
N TYR D 68 -11.19 -19.48 2.28
CA TYR D 68 -11.81 -20.49 3.14
C TYR D 68 -13.22 -20.85 2.66
N LEU D 69 -14.05 -19.85 2.34
CA LEU D 69 -15.42 -20.11 1.91
C LEU D 69 -15.46 -20.84 0.57
N MSE D 70 -14.63 -20.40 -0.37
CA MSE D 70 -14.53 -21.06 -1.69
C MSE D 70 -14.21 -22.53 -1.65
O MSE D 70 -14.60 -23.24 -2.57
CB MSE D 70 -13.37 -20.50 -2.49
CG MSE D 70 -13.68 -19.18 -3.16
SE MSE D 70 -12.20 -18.72 -4.38
CE MSE D 70 -10.90 -20.18 -4.18
N LYS D 71 -13.47 -22.99 -0.63
CA LYS D 71 -13.08 -24.41 -0.54
CA LYS D 71 -13.08 -24.40 -0.55
C LYS D 71 -14.16 -25.26 0.14
N GLN D 72 -14.98 -24.66 1.02
CA GLN D 72 -16.04 -25.40 1.72
C GLN D 72 -17.19 -25.74 0.78
N ASP D 73 -17.81 -26.91 0.98
CA ASP D 73 -19.12 -27.20 0.39
C ASP D 73 -20.19 -26.47 1.18
N LEU D 74 -20.77 -25.44 0.58
CA LEU D 74 -21.70 -24.54 1.29
C LEU D 74 -23.15 -25.02 1.23
N SER D 75 -23.50 -25.84 0.25
CA SER D 75 -24.84 -26.44 0.17
C SER D 75 -24.95 -27.59 1.16
N GLN D 76 -25.04 -27.23 2.42
CA GLN D 76 -25.33 -28.15 3.51
C GLN D 76 -25.80 -27.34 4.72
N TYR D 77 -26.35 -26.16 4.45
CA TYR D 77 -26.62 -25.16 5.47
C TYR D 77 -27.95 -24.49 5.15
N ASN E 5 30.45 6.30 11.30
CA ASN E 5 29.03 6.30 10.86
C ASN E 5 28.21 7.34 11.59
N MSE E 6 27.82 8.37 10.86
CA MSE E 6 27.23 9.56 11.45
C MSE E 6 25.89 9.26 12.08
O MSE E 6 25.56 9.84 13.10
CB MSE E 6 27.03 10.64 10.40
CG MSE E 6 27.22 12.00 11.04
SE MSE E 6 26.52 13.32 9.78
CE MSE E 6 28.19 13.53 8.76
N ILE E 7 25.12 8.37 11.45
CA ILE E 7 23.81 7.97 12.01
C ILE E 7 23.72 6.46 12.15
N GLU E 8 23.36 6.00 13.36
CA GLU E 8 23.10 4.61 13.62
CA GLU E 8 23.11 4.60 13.63
C GLU E 8 21.74 4.47 14.31
N ILE E 9 20.91 3.57 13.81
CA ILE E 9 19.58 3.42 14.32
C ILE E 9 19.32 1.98 14.61
N THR E 10 18.86 1.72 15.82
CA THR E 10 18.50 0.37 16.23
C THR E 10 17.02 0.32 16.57
N TYR E 11 16.33 -0.67 16.01
CA TYR E 11 14.89 -0.84 16.16
C TYR E 11 14.51 -2.30 16.37
N ILE E 12 13.27 -2.56 16.79
CA ILE E 12 12.77 -3.90 17.00
C ILE E 12 11.74 -4.22 15.93
N ASP E 13 11.94 -5.34 15.24
CA ASP E 13 11.07 -5.67 14.12
C ASP E 13 9.90 -6.53 14.61
N ALA E 14 9.03 -6.92 13.70
CA ALA E 14 7.81 -7.66 14.03
C ALA E 14 8.07 -9.07 14.57
N SER E 15 9.30 -9.59 14.42
CA SER E 15 9.67 -10.87 15.00
C SER E 15 10.27 -10.65 16.40
N LYS E 16 10.23 -9.38 16.86
CA LYS E 16 10.78 -8.96 18.15
C LYS E 16 12.29 -9.18 18.22
N ASN E 17 12.95 -8.99 17.08
CA ASN E 17 14.40 -8.99 17.02
C ASN E 17 14.97 -7.60 16.76
N GLU E 18 16.09 -7.30 17.44
CA GLU E 18 16.82 -6.04 17.25
C GLU E 18 17.49 -6.02 15.89
N ARG E 19 17.38 -4.89 15.19
CA ARG E 19 18.07 -4.69 13.94
C ARG E 19 18.70 -3.33 13.97
N THR E 20 19.87 -3.21 13.34
CA THR E 20 20.63 -1.97 13.30
C THR E 20 20.92 -1.55 11.86
N VAL E 21 20.63 -0.29 11.54
CA VAL E 21 21.02 0.28 10.26
C VAL E 21 21.87 1.51 10.50
N THR E 22 22.76 1.78 9.56
CA THR E 22 23.67 2.92 9.63
C THR E 22 23.66 3.73 8.34
N PHE E 23 23.96 5.01 8.46
CA PHE E 23 24.15 5.88 7.31
C PHE E 23 25.43 6.64 7.56
N GLU E 24 26.26 6.74 6.53
CA GLU E 24 27.56 7.40 6.67
C GLU E 24 27.42 8.91 6.85
N SER E 25 26.37 9.49 6.27
CA SER E 25 26.16 10.92 6.35
C SER E 25 24.70 11.22 6.52
N TYR E 26 24.39 12.48 6.83
CA TYR E 26 22.99 12.89 6.92
C TYR E 26 22.34 12.79 5.53
N GLU E 27 23.11 13.08 4.48
CA GLU E 27 22.58 13.04 3.12
C GLU E 27 22.25 11.60 2.67
N ASP E 28 23.03 10.62 3.11
CA ASP E 28 22.68 9.22 2.85
C ASP E 28 21.34 8.89 3.48
N PHE E 29 21.15 9.33 4.71
CA PHE E 29 19.88 9.14 5.40
C PHE E 29 18.73 9.82 4.66
N GLU E 30 18.90 11.09 4.30
CA GLU E 30 17.89 11.82 3.52
C GLU E 30 17.49 11.09 2.24
N ARG E 31 18.50 10.59 1.53
CA ARG E 31 18.32 9.85 0.27
C ARG E 31 17.52 8.55 0.48
N SER E 32 17.76 7.86 1.59
CA SER E 32 17.02 6.63 1.86
C SER E 32 15.55 6.93 2.20
N GLN E 33 15.31 8.10 2.77
CA GLN E 33 13.95 8.55 3.06
CA GLN E 33 13.94 8.58 3.05
C GLN E 33 13.20 8.89 1.76
N GLN E 34 13.87 9.57 0.83
CA GLN E 34 13.23 9.94 -0.43
C GLN E 34 13.02 8.72 -1.36
N ALA E 35 13.87 7.70 -1.22
CA ALA E 35 13.84 6.54 -2.12
C ALA E 35 12.67 5.58 -1.88
N CYS E 36 12.19 5.44 -0.65
CA CYS E 36 11.07 4.54 -0.38
C CYS E 36 9.74 5.25 -0.37
N LEU E 37 8.74 4.60 -0.94
CA LEU E 37 7.38 5.07 -0.83
C LEU E 37 6.91 4.68 0.56
N ILE E 38 7.19 3.44 0.94
CA ILE E 38 7.07 3.01 2.33
C ILE E 38 8.35 2.27 2.69
N GLY E 39 8.99 2.67 3.79
CA GLY E 39 10.13 1.97 4.35
C GLY E 39 9.69 0.71 5.11
N VAL E 40 10.44 -0.38 4.98
CA VAL E 40 10.06 -1.63 5.66
CA VAL E 40 10.04 -1.62 5.67
C VAL E 40 9.91 -1.39 7.18
N ALA E 41 10.82 -0.61 7.73
CA ALA E 41 10.90 -0.41 9.19
C ALA E 41 10.08 0.75 9.74
N ASP E 42 9.22 1.36 8.92
CA ASP E 42 8.64 2.66 9.29
C ASP E 42 7.83 2.67 10.58
N TYR E 43 7.11 1.58 10.85
CA TYR E 43 6.30 1.45 12.06
C TYR E 43 7.02 0.77 13.25
N TYR E 44 8.31 0.54 13.15
CA TYR E 44 9.03 -0.16 14.21
C TYR E 44 9.52 0.76 15.32
N PRO E 45 9.36 0.33 16.58
CA PRO E 45 9.91 1.17 17.66
C PRO E 45 11.45 1.24 17.67
N VAL E 46 11.97 2.43 17.94
CA VAL E 46 13.39 2.71 17.94
C VAL E 46 13.95 2.57 19.36
N GLN E 47 15.01 1.78 19.47
CA GLN E 47 15.60 1.50 20.77
C GLN E 47 16.77 2.42 21.00
N LYS E 48 17.49 2.73 19.93
CA LYS E 48 18.60 3.67 20.01
C LYS E 48 18.76 4.46 18.71
N LEU E 49 18.94 5.78 18.85
CA LEU E 49 19.29 6.70 17.78
C LEU E 49 20.57 7.44 18.16
N THR E 50 21.59 7.28 17.32
CA THR E 50 22.91 7.84 17.60
C THR E 50 23.27 8.80 16.47
N TYR E 51 23.66 10.02 16.83
CA TYR E 51 24.11 11.03 15.87
C TYR E 51 25.53 11.49 16.21
N LYS E 52 26.48 11.20 15.31
CA LYS E 52 27.90 11.48 15.52
C LYS E 52 28.37 11.04 16.90
N GLY E 53 28.09 9.78 17.26
CA GLY E 53 28.47 9.26 18.57
C GLY E 53 27.48 9.52 19.70
N HIS E 54 26.59 10.50 19.56
CA HIS E 54 25.69 10.89 20.66
C HIS E 54 24.37 10.14 20.65
N ASN E 55 24.01 9.57 21.80
CA ASN E 55 22.72 8.93 21.98
CA ASN E 55 22.72 8.92 22.02
C ASN E 55 21.64 10.01 22.18
N LEU E 56 20.78 10.16 21.18
CA LEU E 56 19.72 11.16 21.27
C LEU E 56 18.58 10.57 22.07
N ASP E 57 17.88 11.41 22.83
CA ASP E 57 16.77 10.93 23.64
C ASP E 57 15.54 10.82 22.76
N TYR E 58 15.52 9.79 21.92
CA TYR E 58 14.44 9.64 20.95
C TYR E 58 13.53 8.51 21.38
N HIS E 59 12.24 8.81 21.44
CA HIS E 59 11.21 7.83 21.73
C HIS E 59 10.13 7.93 20.66
N GLY E 60 10.07 6.92 19.80
CA GLY E 60 9.14 6.92 18.68
C GLY E 60 9.47 5.86 17.64
N THR E 61 8.75 5.91 16.52
CA THR E 61 8.93 4.95 15.43
C THR E 61 10.12 5.31 14.54
N TYR E 62 10.59 4.33 13.77
CA TYR E 62 11.61 4.59 12.77
C TYR E 62 11.17 5.71 11.80
N GLY E 63 9.94 5.64 11.31
CA GLY E 63 9.44 6.59 10.30
C GLY E 63 9.39 8.02 10.78
N ASP E 64 9.28 8.23 12.08
CA ASP E 64 9.27 9.57 12.63
C ASP E 64 10.67 10.19 12.83
N ILE E 65 11.75 9.41 12.68
CA ILE E 65 13.11 9.94 12.93
C ILE E 65 13.40 11.14 12.03
N PHE E 66 13.02 11.03 10.77
CA PHE E 66 13.37 12.07 9.78
C PHE E 66 12.85 13.43 10.21
N PHE E 67 11.58 13.50 10.62
CA PHE E 67 10.99 14.78 10.97
C PHE E 67 11.58 15.27 12.29
N TYR E 68 11.91 14.34 13.17
CA TYR E 68 12.55 14.69 14.43
C TYR E 68 13.92 15.35 14.21
N LEU E 69 14.76 14.72 13.37
CA LEU E 69 16.10 15.27 13.08
C LEU E 69 16.04 16.64 12.40
N MSE E 70 15.08 16.82 11.49
CA MSE E 70 14.89 18.09 10.81
C MSE E 70 14.64 19.24 11.75
O MSE E 70 15.06 20.36 11.49
CB MSE E 70 13.65 18.05 9.95
CG MSE E 70 13.95 17.53 8.57
SE MSE E 70 12.34 17.76 7.49
CE MSE E 70 11.01 18.71 8.59
N LYS E 71 13.93 18.98 12.85
CA LYS E 71 13.59 20.03 13.80
C LYS E 71 14.66 20.26 14.88
N GLN E 72 15.62 19.36 14.99
CA GLN E 72 16.72 19.49 15.96
C GLN E 72 17.84 20.36 15.40
N ASP E 73 18.64 20.95 16.30
CA ASP E 73 19.86 21.65 15.89
C ASP E 73 21.07 20.73 16.08
N LEU E 74 21.59 20.25 14.96
CA LEU E 74 22.64 19.22 14.99
C LEU E 74 24.07 19.78 14.99
N SER E 75 24.21 21.08 14.76
CA SER E 75 25.54 21.71 14.64
C SER E 75 26.35 21.66 15.94
N GLN E 76 25.66 21.46 17.06
CA GLN E 76 26.31 21.35 18.36
C GLN E 76 27.06 20.03 18.55
N TYR E 77 26.67 19.01 17.80
CA TYR E 77 27.34 17.71 17.86
C TYR E 77 28.53 17.70 16.90
N ASN F 5 31.23 5.01 -9.08
CA ASN F 5 29.80 4.60 -9.11
C ASN F 5 29.60 3.35 -9.93
N MSE F 6 29.65 2.21 -9.26
CA MSE F 6 29.55 0.90 -9.91
C MSE F 6 28.23 0.70 -10.58
O MSE F 6 28.17 0.12 -11.66
CB MSE F 6 29.76 -0.18 -8.86
CG MSE F 6 30.26 -1.47 -9.49
SE MSE F 6 30.22 -2.89 -8.13
CE MSE F 6 31.82 -2.22 -7.17
N ILE F 7 27.15 1.16 -9.96
CA ILE F 7 25.82 1.03 -10.55
C ILE F 7 25.20 2.40 -10.78
N GLU F 8 24.78 2.69 -12.01
CA GLU F 8 24.02 3.89 -12.29
C GLU F 8 22.75 3.56 -13.05
N ILE F 9 21.64 4.12 -12.59
CA ILE F 9 20.34 3.87 -13.18
C ILE F 9 19.66 5.17 -13.53
N THR F 10 19.25 5.32 -14.78
CA THR F 10 18.43 6.46 -15.19
CA THR F 10 18.45 6.45 -15.24
C THR F 10 17.04 5.97 -15.59
N TYR F 11 16.03 6.63 -15.03
CA TYR F 11 14.65 6.27 -15.27
C TYR F 11 13.80 7.52 -15.49
N ILE F 12 12.59 7.30 -15.99
CA ILE F 12 11.65 8.38 -16.28
CA ILE F 12 11.66 8.38 -16.27
C ILE F 12 10.52 8.34 -15.26
N ASP F 13 10.30 9.46 -14.55
CA ASP F 13 9.24 9.52 -13.53
C ASP F 13 7.86 9.93 -14.09
N ALA F 14 6.88 10.03 -13.20
CA ALA F 14 5.52 10.28 -13.63
C ALA F 14 5.32 11.70 -14.15
N SER F 15 6.28 12.61 -13.92
CA SER F 15 6.21 13.94 -14.52
C SER F 15 6.93 13.98 -15.86
N LYS F 16 7.46 12.82 -16.30
CA LYS F 16 8.13 12.63 -17.60
C LYS F 16 9.53 13.21 -17.57
N ASN F 17 10.10 13.34 -16.39
CA ASN F 17 11.45 13.83 -16.23
C ASN F 17 12.42 12.70 -15.97
N GLU F 18 13.65 12.86 -16.43
CA GLU F 18 14.69 11.86 -16.21
C GLU F 18 15.32 12.04 -14.83
N ARG F 19 15.51 10.93 -14.13
CA ARG F 19 16.18 10.97 -12.85
C ARG F 19 17.26 9.91 -12.84
N THR F 20 18.33 10.17 -12.10
CA THR F 20 19.46 9.26 -12.01
C THR F 20 19.75 8.99 -10.55
N VAL F 21 19.99 7.73 -10.24
CA VAL F 21 20.46 7.32 -8.92
C VAL F 21 21.68 6.47 -9.14
N THR F 22 22.56 6.47 -8.15
CA THR F 22 23.82 5.74 -8.25
C THR F 22 24.05 4.98 -6.97
N PHE F 23 24.73 3.85 -7.08
CA PHE F 23 25.09 3.05 -5.92
C PHE F 23 26.57 2.75 -6.04
N GLU F 24 27.29 2.90 -4.92
CA GLU F 24 28.74 2.77 -4.93
CA GLU F 24 28.75 2.76 -4.89
C GLU F 24 29.15 1.30 -5.08
N SER F 25 28.31 0.38 -4.60
CA SER F 25 28.58 -1.04 -4.72
C SER F 25 27.29 -1.82 -4.93
N TYR F 26 27.44 -3.06 -5.39
CA TYR F 26 26.29 -3.94 -5.55
C TYR F 26 25.61 -4.14 -4.19
N GLU F 27 26.41 -4.16 -3.13
CA GLU F 27 25.93 -4.39 -1.77
C GLU F 27 25.12 -3.21 -1.25
N ASP F 28 25.50 -1.99 -1.63
CA ASP F 28 24.68 -0.81 -1.36
C ASP F 28 23.34 -0.88 -2.09
N PHE F 29 23.34 -1.43 -3.31
CA PHE F 29 22.09 -1.61 -4.06
C PHE F 29 21.16 -2.62 -3.36
N GLU F 30 21.73 -3.76 -2.96
CA GLU F 30 21.00 -4.77 -2.21
C GLU F 30 20.35 -4.18 -0.96
N ARG F 31 21.13 -3.39 -0.22
CA ARG F 31 20.62 -2.76 1.00
C ARG F 31 19.44 -1.83 0.70
N SER F 32 19.53 -1.06 -0.37
CA SER F 32 18.42 -0.17 -0.74
C SER F 32 17.16 -0.97 -1.10
N GLN F 33 17.36 -2.12 -1.76
CA GLN F 33 16.23 -2.99 -2.08
C GLN F 33 15.61 -3.54 -0.81
N GLN F 34 16.44 -3.91 0.16
CA GLN F 34 15.92 -4.48 1.39
C GLN F 34 15.21 -3.39 2.24
N ALA F 35 15.67 -2.14 2.12
CA ALA F 35 15.16 -1.06 2.96
C ALA F 35 13.69 -0.66 2.69
N CYS F 36 13.22 -0.76 1.45
CA CYS F 36 11.90 -0.28 1.07
C CYS F 36 10.89 -1.41 0.96
N LEU F 37 9.71 -1.20 1.55
CA LEU F 37 8.58 -2.08 1.33
C LEU F 37 8.17 -1.90 -0.12
N ILE F 38 8.01 -0.65 -0.53
CA ILE F 38 7.86 -0.31 -1.93
C ILE F 38 8.77 0.87 -2.23
N GLY F 39 9.56 0.78 -3.30
CA GLY F 39 10.38 1.91 -3.74
C GLY F 39 9.57 2.91 -4.55
N VAL F 40 9.87 4.21 -4.43
CA VAL F 40 9.14 5.25 -5.14
CA VAL F 40 9.12 5.25 -5.14
C VAL F 40 9.18 5.03 -6.64
N ALA F 41 10.32 4.56 -7.14
CA ALA F 41 10.59 4.38 -8.57
C ALA F 41 10.25 3.01 -9.14
N ASP F 42 9.66 2.09 -8.36
CA ASP F 42 9.63 0.68 -8.79
C ASP F 42 8.93 0.42 -10.13
N TYR F 43 7.96 1.25 -10.47
CA TYR F 43 7.19 1.07 -11.72
C TYR F 43 7.66 1.99 -12.87
N TYR F 44 8.75 2.70 -12.65
CA TYR F 44 9.24 3.60 -13.67
C TYR F 44 10.09 2.83 -14.68
N PRO F 45 9.94 3.15 -15.98
CA PRO F 45 10.80 2.54 -16.99
C PRO F 45 12.24 3.02 -16.90
N VAL F 46 13.16 2.10 -17.10
CA VAL F 46 14.57 2.38 -17.01
C VAL F 46 15.08 2.77 -18.40
N GLN F 47 15.73 3.93 -18.48
N GLN F 47 15.71 3.94 -18.50
CA GLN F 47 16.30 4.38 -19.73
CA GLN F 47 16.30 4.39 -19.75
C GLN F 47 17.75 3.91 -19.90
C GLN F 47 17.74 3.87 -19.90
N LYS F 48 18.48 3.76 -18.79
CA LYS F 48 19.83 3.23 -18.83
C LYS F 48 20.23 2.63 -17.50
N LEU F 49 20.83 1.45 -17.58
CA LEU F 49 21.41 0.76 -16.44
C LEU F 49 22.85 0.48 -16.81
N THR F 50 23.78 1.02 -16.00
CA THR F 50 25.19 0.79 -16.22
CA THR F 50 25.20 0.87 -16.19
C THR F 50 25.82 0.18 -14.99
N TYR F 51 26.76 -0.74 -15.26
CA TYR F 51 27.46 -1.51 -14.24
C TYR F 51 28.98 -1.53 -14.49
N LYS F 52 29.75 -0.86 -13.63
CA LYS F 52 31.19 -0.68 -13.82
C LYS F 52 31.49 -0.07 -15.20
N GLY F 53 30.68 0.92 -15.59
CA GLY F 53 30.85 1.58 -16.88
C GLY F 53 30.25 0.84 -18.08
N HIS F 54 29.76 -0.38 -17.86
CA HIS F 54 29.17 -1.15 -18.96
C HIS F 54 27.67 -0.91 -19.05
N ASN F 55 27.25 -0.45 -20.22
CA ASN F 55 25.85 -0.24 -20.50
C ASN F 55 25.20 -1.60 -20.73
N LEU F 56 24.40 -2.03 -19.76
CA LEU F 56 23.72 -3.33 -19.83
C LEU F 56 22.47 -3.13 -20.63
N ASP F 57 22.07 -4.12 -21.41
CA ASP F 57 21.06 -3.91 -22.45
C ASP F 57 19.62 -3.88 -21.89
N TYR F 58 19.46 -3.33 -20.68
CA TYR F 58 18.27 -3.64 -19.86
C TYR F 58 17.00 -2.96 -20.35
N HIS F 59 15.95 -3.77 -20.52
CA HIS F 59 14.63 -3.29 -20.88
C HIS F 59 13.65 -3.72 -19.81
N GLY F 60 13.21 -2.78 -18.99
CA GLY F 60 12.30 -3.13 -17.92
C GLY F 60 12.11 -2.01 -16.93
N THR F 61 11.38 -2.30 -15.86
CA THR F 61 11.13 -1.35 -14.80
C THR F 61 12.28 -1.32 -13.80
N TYR F 62 12.30 -0.24 -13.01
CA TYR F 62 13.29 -0.08 -11.97
C TYR F 62 13.19 -1.24 -10.98
N GLY F 63 11.96 -1.58 -10.59
CA GLY F 63 11.74 -2.62 -9.60
C GLY F 63 12.20 -4.01 -10.03
N ASP F 64 12.27 -4.26 -11.34
CA ASP F 64 12.78 -5.53 -11.84
C ASP F 64 14.32 -5.60 -11.97
N ILE F 65 15.01 -4.48 -11.75
CA ILE F 65 16.48 -4.50 -11.90
C ILE F 65 17.18 -5.52 -10.99
N PHE F 66 16.73 -5.56 -9.74
CA PHE F 66 17.32 -6.41 -8.72
C PHE F 66 17.37 -7.88 -9.14
N PHE F 67 16.22 -8.40 -9.55
CA PHE F 67 16.14 -9.78 -10.00
C PHE F 67 16.96 -10.03 -11.29
N TYR F 68 16.95 -9.04 -12.18
CA TYR F 68 17.74 -9.13 -13.41
C TYR F 68 19.24 -9.27 -13.10
N LEU F 69 19.78 -8.38 -12.28
CA LEU F 69 21.21 -8.37 -11.93
C LEU F 69 21.59 -9.68 -11.25
N MSE F 70 20.80 -10.10 -10.27
CA MSE F 70 20.96 -11.42 -9.61
C MSE F 70 21.14 -12.58 -10.53
O MSE F 70 21.85 -13.53 -10.21
CB MSE F 70 19.72 -11.67 -8.78
CG MSE F 70 19.99 -12.43 -7.50
SE MSE F 70 18.38 -12.09 -6.44
CE MSE F 70 17.06 -13.01 -7.54
N LYS F 71 20.48 -12.53 -11.69
CA LYS F 71 20.60 -13.55 -12.74
C LYS F 71 21.86 -13.42 -13.62
N GLN F 72 22.32 -12.19 -13.86
CA GLN F 72 23.45 -11.98 -14.78
C GLN F 72 24.75 -12.50 -14.16
N ASP F 73 25.62 -13.04 -15.01
CA ASP F 73 27.01 -13.31 -14.62
C ASP F 73 27.79 -12.01 -14.82
N LEU F 74 27.85 -11.23 -13.74
CA LEU F 74 28.46 -9.89 -13.78
C LEU F 74 29.99 -9.92 -13.83
N SER F 75 30.57 -11.08 -13.54
CA SER F 75 32.02 -11.24 -13.57
C SER F 75 32.63 -10.84 -14.92
N GLN F 76 31.89 -11.05 -16.01
CA GLN F 76 32.37 -10.71 -17.35
C GLN F 76 32.72 -9.22 -17.46
N TYR F 77 32.16 -8.39 -16.58
CA TYR F 77 32.57 -6.99 -16.45
C TYR F 77 33.56 -6.87 -15.30
N ASN G 5 -31.63 1.12 -9.01
CA ASN G 5 -30.30 1.29 -8.36
C ASN G 5 -29.96 2.77 -8.20
N MSE G 6 -30.04 3.26 -6.97
CA MSE G 6 -30.01 4.69 -6.70
C MSE G 6 -28.76 5.39 -7.18
O MSE G 6 -28.85 6.50 -7.70
CB MSE G 6 -30.09 4.91 -5.20
CG MSE G 6 -30.25 6.40 -4.94
SE MSE G 6 -30.66 6.66 -3.05
CE MSE G 6 -32.52 6.02 -3.16
N ILE G 7 -27.60 4.78 -6.95
CA ILE G 7 -26.34 5.35 -7.39
C ILE G 7 -25.68 4.44 -8.44
N GLU G 8 -25.29 5.03 -9.56
CA GLU G 8 -24.71 4.27 -10.63
C GLU G 8 -23.46 5.03 -11.11
N ILE G 9 -22.34 4.31 -11.16
CA ILE G 9 -21.04 4.88 -11.43
C ILE G 9 -20.39 4.09 -12.56
N THR G 10 -20.07 4.80 -13.64
CA THR G 10 -19.31 4.21 -14.75
C THR G 10 -17.92 4.80 -14.80
N TYR G 11 -16.92 3.92 -14.76
CA TYR G 11 -15.53 4.34 -14.86
C TYR G 11 -14.80 3.55 -15.95
N ILE G 12 -13.58 4.00 -16.24
CA ILE G 12 -12.66 3.43 -17.21
C ILE G 12 -11.38 2.94 -16.55
N ASP G 13 -11.07 1.63 -16.72
N ASP G 13 -10.94 1.71 -16.81
CA ASP G 13 -10.03 0.90 -15.94
CA ASP G 13 -9.57 1.39 -16.48
C ASP G 13 -8.69 0.71 -16.67
C ASP G 13 -8.66 1.95 -17.59
N ALA G 14 -7.67 0.19 -15.96
N ALA G 14 -7.36 1.78 -17.41
CA ALA G 14 -6.28 0.25 -16.42
CA ALA G 14 -6.36 2.31 -18.35
C ALA G 14 -6.08 -0.47 -17.74
C ALA G 14 -6.57 1.87 -19.80
N SER G 15 -7.08 -1.22 -18.14
N SER G 15 -7.05 0.64 -20.02
CA SER G 15 -7.04 -1.93 -19.41
CA SER G 15 -7.29 0.19 -21.40
C SER G 15 -7.77 -1.15 -20.51
C SER G 15 -8.58 0.81 -21.97
N LYS G 16 -8.54 -0.14 -20.11
N LYS G 16 -9.08 1.84 -21.30
CA LYS G 16 -9.17 0.80 -21.04
CA LYS G 16 -10.26 2.58 -21.77
C LYS G 16 -10.62 0.45 -21.38
C LYS G 16 -11.55 1.74 -21.72
N ASN G 17 -11.30 -0.28 -20.50
N ASN G 17 -11.50 0.64 -20.99
CA ASN G 17 -12.72 -0.54 -20.74
CA ASN G 17 -12.63 -0.26 -20.82
C ASN G 17 -13.61 0.12 -19.70
C ASN G 17 -13.58 0.21 -19.72
N GLU G 18 -14.85 0.43 -20.08
CA GLU G 18 -15.85 0.91 -19.12
C GLU G 18 -16.39 -0.21 -18.23
N ARG G 19 -16.61 0.13 -16.96
CA ARG G 19 -17.25 -0.75 -15.99
C ARG G 19 -18.23 0.09 -15.18
N THR G 20 -19.37 -0.50 -14.83
CA THR G 20 -20.40 0.18 -14.07
C THR G 20 -20.61 -0.54 -12.75
N VAL G 21 -20.66 0.21 -11.66
CA VAL G 21 -21.03 -0.36 -10.38
C VAL G 21 -22.19 0.43 -9.79
N THR G 22 -23.01 -0.26 -9.00
CA THR G 22 -24.21 0.36 -8.45
C THR G 22 -24.26 0.18 -6.95
N PHE G 23 -25.00 1.06 -6.29
CA PHE G 23 -25.30 0.96 -4.89
C PHE G 23 -26.76 1.31 -4.74
N GLU G 24 -27.41 0.65 -3.79
CA GLU G 24 -28.86 0.81 -3.60
C GLU G 24 -29.22 2.10 -2.87
N SER G 25 -28.32 2.58 -2.00
CA SER G 25 -28.55 3.82 -1.28
C SER G 25 -27.26 4.58 -1.13
N TYR G 26 -27.35 5.83 -0.67
CA TYR G 26 -26.15 6.57 -0.28
C TYR G 26 -25.44 5.84 0.88
N GLU G 27 -26.22 5.30 1.82
CA GLU G 27 -25.64 4.59 2.98
C GLU G 27 -24.82 3.34 2.54
N ASP G 28 -25.29 2.67 1.50
CA ASP G 28 -24.64 1.51 0.92
C ASP G 28 -23.27 1.93 0.33
N PHE G 29 -23.26 3.04 -0.40
CA PHE G 29 -22.02 3.62 -0.93
C PHE G 29 -21.05 3.98 0.19
N GLU G 30 -21.57 4.62 1.22
CA GLU G 30 -20.76 5.07 2.34
C GLU G 30 -20.13 3.86 3.00
N ARG G 31 -20.91 2.82 3.29
CA ARG G 31 -20.34 1.58 3.81
C ARG G 31 -19.24 0.98 2.91
N SER G 32 -19.43 1.00 1.59
CA SER G 32 -18.40 0.50 0.68
C SER G 32 -17.11 1.33 0.81
N GLN G 33 -17.22 2.63 1.11
CA GLN G 33 -16.03 3.46 1.26
C GLN G 33 -15.31 3.14 2.56
N GLN G 34 -16.06 2.88 3.63
CA GLN G 34 -15.46 2.55 4.90
C GLN G 34 -14.72 1.20 4.86
N ALA G 35 -15.22 0.28 4.04
CA ALA G 35 -14.74 -1.11 4.03
C ALA G 35 -13.37 -1.28 3.35
N CYS G 36 -13.05 -0.47 2.34
CA CYS G 36 -11.76 -0.58 1.66
C CYS G 36 -10.73 0.39 2.21
N LEU G 37 -9.52 -0.10 2.44
CA LEU G 37 -8.39 0.75 2.75
C LEU G 37 -8.04 1.49 1.48
N ILE G 38 -8.02 0.75 0.37
CA ILE G 38 -7.85 1.31 -0.97
C ILE G 38 -8.73 0.54 -1.90
N GLY G 39 -9.57 1.23 -2.66
CA GLY G 39 -10.47 0.58 -3.65
C GLY G 39 -9.72 0.34 -4.95
N VAL G 40 -10.00 -0.79 -5.60
CA VAL G 40 -9.30 -1.11 -6.85
C VAL G 40 -9.44 -0.01 -7.88
N ALA G 41 -10.61 0.62 -7.94
CA ALA G 41 -10.93 1.64 -8.95
C ALA G 41 -10.62 3.09 -8.57
N ASP G 42 -10.01 3.33 -7.42
CA ASP G 42 -9.92 4.68 -6.84
C ASP G 42 -9.28 5.72 -7.77
N TYR G 43 -8.33 5.31 -8.63
CA TYR G 43 -7.63 6.22 -9.53
C TYR G 43 -8.19 6.25 -10.96
N TYR G 44 -9.27 5.52 -11.20
CA TYR G 44 -9.87 5.46 -12.52
C TYR G 44 -10.79 6.64 -12.78
N PRO G 45 -10.72 7.22 -13.99
CA PRO G 45 -11.62 8.31 -14.38
C PRO G 45 -13.08 7.89 -14.38
N VAL G 46 -13.96 8.77 -13.91
CA VAL G 46 -15.40 8.52 -13.93
C VAL G 46 -16.01 9.07 -15.24
N GLN G 47 -16.75 8.24 -15.95
N GLN G 47 -16.72 8.20 -15.95
CA GLN G 47 -17.39 8.66 -17.20
CA GLN G 47 -17.38 8.54 -17.19
C GLN G 47 -18.83 9.07 -16.99
C GLN G 47 -18.76 9.12 -16.92
N LYS G 48 -19.46 8.54 -15.94
CA LYS G 48 -20.81 8.95 -15.59
C LYS G 48 -21.11 8.63 -14.14
N LEU G 49 -21.87 9.51 -13.51
CA LEU G 49 -22.29 9.38 -12.12
C LEU G 49 -23.76 9.75 -12.05
N THR G 50 -24.59 8.81 -11.62
CA THR G 50 -26.04 9.05 -11.59
C THR G 50 -26.53 8.85 -10.17
N TYR G 51 -27.32 9.83 -9.69
CA TYR G 51 -28.01 9.74 -8.41
C TYR G 51 -29.51 9.81 -8.67
N LYS G 52 -30.23 8.76 -8.31
CA LYS G 52 -31.67 8.69 -8.51
C LYS G 52 -32.07 9.01 -9.95
N GLY G 53 -31.32 8.49 -10.90
CA GLY G 53 -31.64 8.73 -12.30
C GLY G 53 -31.20 10.07 -12.85
N HIS G 54 -30.63 10.94 -12.01
CA HIS G 54 -30.08 12.20 -12.49
C HIS G 54 -28.57 12.14 -12.70
N ASN G 55 -28.11 12.51 -13.89
CA ASN G 55 -26.68 12.55 -14.18
C ASN G 55 -26.07 13.78 -13.53
N LEU G 56 -25.07 13.55 -12.67
CA LEU G 56 -24.39 14.63 -11.97
C LEU G 56 -23.18 15.01 -12.78
N ASP G 57 -22.79 16.28 -12.70
CA ASP G 57 -21.78 16.84 -13.60
C ASP G 57 -20.42 16.61 -12.95
N TYR G 58 -20.04 15.34 -12.82
CA TYR G 58 -18.83 14.98 -12.07
C TYR G 58 -17.66 14.71 -13.01
N HIS G 59 -16.55 15.39 -12.73
CA HIS G 59 -15.33 15.29 -13.48
C HIS G 59 -14.23 14.96 -12.49
N GLY G 60 -13.84 13.70 -12.43
CA GLY G 60 -12.83 13.31 -11.45
C GLY G 60 -12.65 11.82 -11.42
N THR G 61 -11.88 11.35 -10.44
CA THR G 61 -11.60 9.94 -10.26
C THR G 61 -12.64 9.29 -9.39
N TYR G 62 -12.70 7.98 -9.43
CA TYR G 62 -13.63 7.22 -8.64
C TYR G 62 -13.46 7.55 -7.15
N GLY G 63 -12.20 7.59 -6.73
CA GLY G 63 -11.83 7.85 -5.33
C GLY G 63 -12.30 9.17 -4.76
N ASP G 64 -12.50 10.17 -5.62
CA ASP G 64 -12.96 11.47 -5.16
C ASP G 64 -14.51 11.62 -5.19
N ILE G 65 -15.25 10.61 -5.67
CA ILE G 65 -16.73 10.70 -5.69
C ILE G 65 -17.30 10.96 -4.30
N PHE G 66 -16.76 10.30 -3.29
CA PHE G 66 -17.31 10.36 -1.94
C PHE G 66 -17.30 11.79 -1.41
N PHE G 67 -16.18 12.50 -1.54
CA PHE G 67 -16.11 13.90 -1.06
C PHE G 67 -17.02 14.81 -1.89
N TYR G 68 -17.13 14.52 -3.17
CA TYR G 68 -18.07 15.23 -4.02
C TYR G 68 -19.53 15.06 -3.55
N LEU G 69 -19.98 13.83 -3.33
CA LEU G 69 -21.38 13.59 -2.95
C LEU G 69 -21.73 14.19 -1.59
N MSE G 70 -20.76 14.15 -0.68
CA MSE G 70 -20.93 14.64 0.70
C MSE G 70 -21.18 16.12 0.77
O MSE G 70 -21.81 16.60 1.70
CB MSE G 70 -19.62 14.19 1.39
CG MSE G 70 -19.42 14.42 2.87
SE MSE G 70 -17.49 14.06 3.05
CE MSE G 70 -16.74 15.80 2.51
N LYS G 71 -20.71 16.85 -0.25
CA LYS G 71 -20.91 18.30 -0.30
CA LYS G 71 -20.90 18.31 -0.36
C LYS G 71 -22.22 18.69 -1.02
N GLN G 72 -22.82 17.77 -1.77
CA GLN G 72 -24.08 18.07 -2.45
C GLN G 72 -25.27 17.98 -1.47
N ASP G 73 -26.26 18.85 -1.66
CA ASP G 73 -27.57 18.65 -1.07
C ASP G 73 -28.35 17.76 -2.03
N LEU G 74 -28.40 16.47 -1.70
CA LEU G 74 -29.03 15.47 -2.57
C LEU G 74 -30.56 15.42 -2.42
N SER G 75 -31.10 16.04 -1.36
CA SER G 75 -32.55 16.03 -1.12
C SER G 75 -33.29 16.70 -2.28
N GLN G 76 -32.64 17.66 -2.93
CA GLN G 76 -33.12 18.24 -4.19
C GLN G 76 -33.80 17.20 -5.08
N TYR G 77 -33.24 15.99 -5.08
CA TYR G 77 -33.76 14.88 -5.87
C TYR G 77 -34.79 14.07 -5.08
N LEU H 4 2.49 -29.26 -20.15
CA LEU H 4 3.38 -28.88 -19.01
C LEU H 4 2.99 -27.57 -18.31
N ASN H 5 1.98 -26.86 -18.80
CA ASN H 5 1.50 -25.60 -18.19
C ASN H 5 0.04 -25.31 -18.45
N MSE H 6 -0.80 -25.57 -17.45
CA MSE H 6 -2.24 -25.40 -17.59
C MSE H 6 -2.61 -23.96 -17.87
O MSE H 6 -3.45 -23.68 -18.73
CB MSE H 6 -2.90 -25.89 -16.31
CG MSE H 6 -4.42 -25.99 -16.47
SE MSE H 6 -5.25 -26.84 -14.92
CE MSE H 6 -4.39 -28.60 -15.06
N ILE H 7 -1.99 -23.02 -17.15
CA ILE H 7 -2.32 -21.61 -17.29
C ILE H 7 -1.09 -20.80 -17.70
N GLU H 8 -1.24 -20.02 -18.76
CA GLU H 8 -0.19 -19.12 -19.26
CA GLU H 8 -0.18 -19.11 -19.22
C GLU H 8 -0.81 -17.74 -19.45
N ILE H 9 -0.14 -16.72 -18.94
CA ILE H 9 -0.61 -15.34 -18.93
C ILE H 9 0.46 -14.39 -19.49
N THR H 10 0.09 -13.61 -20.50
CA THR H 10 0.98 -12.59 -21.04
C THR H 10 0.37 -11.23 -20.81
N TYR H 11 1.20 -10.32 -20.32
CA TYR H 11 0.79 -8.96 -20.02
C TYR H 11 1.91 -8.00 -20.39
N ILE H 12 1.59 -6.70 -20.40
CA ILE H 12 2.55 -5.67 -20.73
C ILE H 12 2.79 -4.82 -19.50
N ASP H 13 4.05 -4.62 -19.14
CA ASP H 13 4.35 -3.96 -17.88
C ASP H 13 4.53 -2.47 -18.13
N ALA H 14 4.84 -1.72 -17.07
CA ALA H 14 4.89 -0.26 -17.18
C ALA H 14 6.05 0.24 -18.04
N SER H 15 6.99 -0.65 -18.41
CA SER H 15 8.05 -0.25 -19.33
C SER H 15 7.67 -0.59 -20.77
N LYS H 16 6.42 -0.96 -21.02
CA LYS H 16 5.96 -1.40 -22.34
C LYS H 16 6.65 -2.67 -22.87
N ASN H 17 7.09 -3.53 -21.96
CA ASN H 17 7.61 -4.84 -22.32
C ASN H 17 6.67 -5.99 -21.97
N GLU H 18 6.66 -6.96 -22.86
CA GLU H 18 5.83 -8.13 -22.69
C GLU H 18 6.44 -9.02 -21.62
N ARG H 19 5.63 -9.52 -20.69
CA ARG H 19 6.07 -10.51 -19.70
C ARG H 19 5.13 -11.70 -19.73
N THR H 20 5.64 -12.90 -19.53
CA THR H 20 4.81 -14.10 -19.51
C THR H 20 5.00 -14.84 -18.19
N VAL H 21 3.90 -15.22 -17.55
CA VAL H 21 3.94 -16.09 -16.37
C VAL H 21 3.08 -17.34 -16.61
N THR H 22 3.55 -18.46 -16.08
CA THR H 22 2.86 -19.75 -16.21
C THR H 22 2.61 -20.39 -14.85
N PHE H 23 1.57 -21.20 -14.82
CA PHE H 23 1.21 -21.97 -13.63
C PHE H 23 0.93 -23.39 -14.08
N GLU H 24 1.53 -24.33 -13.38
CA GLU H 24 1.45 -25.73 -13.80
C GLU H 24 0.04 -26.29 -13.56
N SER H 25 -0.61 -25.82 -12.50
CA SER H 25 -1.97 -26.25 -12.19
C SER H 25 -2.78 -25.07 -11.78
N TYR H 26 -4.09 -25.30 -11.67
CA TYR H 26 -5.00 -24.27 -11.22
C TYR H 26 -4.72 -23.92 -9.77
N GLU H 27 -4.34 -24.93 -8.99
CA GLU H 27 -4.07 -24.74 -7.57
C GLU H 27 -2.80 -23.90 -7.37
N ASP H 28 -1.79 -24.08 -8.23
CA ASP H 28 -0.62 -23.19 -8.21
C ASP H 28 -1.03 -21.73 -8.45
N PHE H 29 -2.01 -21.50 -9.33
CA PHE H 29 -2.49 -20.15 -9.59
C PHE H 29 -3.22 -19.59 -8.35
N GLU H 30 -4.07 -20.40 -7.74
CA GLU H 30 -4.77 -19.97 -6.53
C GLU H 30 -3.80 -19.61 -5.40
N ARG H 31 -2.75 -20.43 -5.20
CA ARG H 31 -1.74 -20.13 -4.16
C ARG H 31 -1.05 -18.80 -4.42
N SER H 32 -0.77 -18.48 -5.69
CA SER H 32 -0.16 -17.20 -6.04
C SER H 32 -1.08 -16.03 -5.72
N GLN H 33 -2.39 -16.22 -5.88
CA GLN H 33 -3.33 -15.14 -5.60
CA GLN H 33 -3.38 -15.16 -5.59
C GLN H 33 -3.44 -14.91 -4.10
N GLN H 34 -3.47 -15.99 -3.33
CA GLN H 34 -3.57 -15.90 -1.88
C GLN H 34 -2.29 -15.34 -1.25
N ALA H 35 -1.14 -15.56 -1.88
CA ALA H 35 0.17 -15.18 -1.30
C ALA H 35 0.45 -13.68 -1.32
N CYS H 36 -0.06 -12.94 -2.31
CA CYS H 36 0.19 -11.54 -2.40
C CYS H 36 -0.93 -10.73 -1.80
N LEU H 37 -0.56 -9.77 -0.97
CA LEU H 37 -1.49 -8.72 -0.57
C LEU H 37 -1.85 -7.90 -1.83
N ILE H 38 -0.83 -7.51 -2.57
CA ILE H 38 -0.96 -6.89 -3.88
C ILE H 38 0.09 -7.51 -4.79
N GLY H 39 -0.33 -8.01 -5.95
CA GLY H 39 0.60 -8.51 -6.97
C GLY H 39 1.23 -7.37 -7.75
N VAL H 40 2.50 -7.53 -8.12
CA VAL H 40 3.24 -6.53 -8.89
CA VAL H 40 3.21 -6.49 -8.87
C VAL H 40 2.47 -6.18 -10.16
N ALA H 41 1.91 -7.19 -10.80
CA ALA H 41 1.27 -7.06 -12.13
C ALA H 41 -0.24 -6.81 -12.13
N ASP H 42 -0.85 -6.62 -10.96
CA ASP H 42 -2.32 -6.63 -10.84
C ASP H 42 -3.04 -5.62 -11.73
N TYR H 43 -2.44 -4.47 -11.99
CA TYR H 43 -3.08 -3.43 -12.83
C TYR H 43 -2.68 -3.45 -14.32
N TYR H 44 -1.89 -4.45 -14.71
CA TYR H 44 -1.41 -4.55 -16.09
C TYR H 44 -2.43 -5.21 -17.04
N PRO H 45 -2.55 -4.65 -18.24
CA PRO H 45 -3.47 -5.25 -19.20
C PRO H 45 -2.94 -6.60 -19.68
N VAL H 46 -3.86 -7.53 -19.82
CA VAL H 46 -3.55 -8.87 -20.24
C VAL H 46 -3.68 -8.96 -21.78
N GLN H 47 -2.61 -9.44 -22.39
CA GLN H 47 -2.53 -9.63 -23.84
CA GLN H 47 -2.53 -9.63 -23.86
C GLN H 47 -2.99 -11.02 -24.28
N LYS H 48 -2.69 -12.02 -23.48
CA LYS H 48 -3.10 -13.39 -23.78
C LYS H 48 -3.29 -14.19 -22.49
N LEU H 49 -4.42 -14.87 -22.39
CA LEU H 49 -4.72 -15.80 -21.34
C LEU H 49 -5.05 -17.13 -21.97
N THR H 50 -4.27 -18.15 -21.65
CA THR H 50 -4.51 -19.49 -22.18
C THR H 50 -4.71 -20.47 -21.03
N TYR H 51 -5.70 -21.34 -21.19
CA TYR H 51 -6.03 -22.39 -20.24
C TYR H 51 -5.98 -23.71 -20.98
N LYS H 52 -5.14 -24.61 -20.51
CA LYS H 52 -4.89 -25.90 -21.16
C LYS H 52 -4.66 -25.77 -22.67
N GLY H 53 -3.93 -24.72 -23.06
CA GLY H 53 -3.65 -24.46 -24.47
C GLY H 53 -4.72 -23.66 -25.19
N HIS H 54 -5.93 -23.59 -24.62
CA HIS H 54 -7.01 -22.80 -25.22
C HIS H 54 -6.89 -21.33 -24.90
N ASN H 55 -6.93 -20.51 -25.94
CA ASN H 55 -6.96 -19.09 -25.79
C ASN H 55 -8.35 -18.64 -25.31
N LEU H 56 -8.42 -18.01 -24.15
CA LEU H 56 -9.67 -17.47 -23.66
C LEU H 56 -9.69 -16.04 -24.12
N ASP H 57 -10.87 -15.51 -24.41
CA ASP H 57 -10.93 -14.20 -25.04
C ASP H 57 -10.98 -13.15 -23.96
N TYR H 58 -9.96 -13.13 -23.11
CA TYR H 58 -9.97 -12.29 -21.92
C TYR H 58 -9.50 -10.88 -22.25
N HIS H 59 -10.23 -9.90 -21.74
CA HIS H 59 -9.87 -8.50 -21.84
C HIS H 59 -10.01 -7.87 -20.47
N GLY H 60 -8.90 -7.38 -19.94
CA GLY H 60 -8.91 -6.82 -18.59
C GLY H 60 -7.55 -6.96 -17.96
N THR H 61 -7.49 -6.66 -16.67
CA THR H 61 -6.24 -6.62 -15.94
C THR H 61 -5.83 -7.98 -15.43
N TYR H 62 -4.55 -8.12 -15.16
CA TYR H 62 -4.02 -9.33 -14.54
C TYR H 62 -4.78 -9.68 -13.24
N GLY H 63 -4.98 -8.69 -12.40
CA GLY H 63 -5.68 -8.89 -11.11
C GLY H 63 -7.11 -9.38 -11.20
N ASP H 64 -7.77 -9.13 -12.34
CA ASP H 64 -9.15 -9.60 -12.49
C ASP H 64 -9.23 -11.02 -13.06
N ILE H 65 -8.12 -11.62 -13.46
CA ILE H 65 -8.16 -12.97 -14.05
C ILE H 65 -8.75 -13.98 -13.09
N PHE H 66 -8.39 -13.86 -11.81
CA PHE H 66 -8.82 -14.82 -10.79
C PHE H 66 -10.34 -14.93 -10.71
N PHE H 67 -10.99 -13.78 -10.68
CA PHE H 67 -12.44 -13.72 -10.64
C PHE H 67 -13.08 -14.18 -11.95
N TYR H 68 -12.48 -13.79 -13.07
CA TYR H 68 -13.00 -14.15 -14.39
C TYR H 68 -13.00 -15.64 -14.58
N LEU H 69 -11.91 -16.29 -14.18
CA LEU H 69 -11.79 -17.74 -14.34
C LEU H 69 -12.92 -18.49 -13.64
N MSE H 70 -13.26 -18.09 -12.41
CA MSE H 70 -14.32 -18.76 -11.61
C MSE H 70 -15.70 -18.75 -12.25
O MSE H 70 -16.52 -19.60 -11.95
CB MSE H 70 -14.43 -18.09 -10.24
CG MSE H 70 -13.22 -18.38 -9.37
SE MSE H 70 -13.34 -17.47 -7.63
CE MSE H 70 -14.40 -15.88 -8.05
N LYS H 71 -15.96 -17.78 -13.12
CA LYS H 71 -17.29 -17.72 -13.74
C LYS H 71 -17.32 -18.34 -15.15
N GLN H 72 -16.20 -18.96 -15.56
CA GLN H 72 -16.14 -19.72 -16.81
C GLN H 72 -16.34 -21.22 -16.54
N ASP H 73 -17.11 -21.88 -17.41
CA ASP H 73 -17.20 -23.34 -17.40
C ASP H 73 -15.90 -23.85 -18.03
N LEU H 74 -14.99 -24.34 -17.19
CA LEU H 74 -13.64 -24.72 -17.64
C LEU H 74 -13.47 -26.16 -18.07
N SER H 75 -14.33 -27.06 -17.59
CA SER H 75 -14.23 -28.48 -17.92
C SER H 75 -14.26 -28.72 -19.44
N GLN H 76 -15.01 -27.89 -20.16
CA GLN H 76 -15.12 -27.95 -21.63
C GLN H 76 -13.79 -27.86 -22.39
N TYR H 77 -12.72 -27.44 -21.72
CA TYR H 77 -11.41 -27.35 -22.35
C TYR H 77 -10.57 -28.59 -22.06
N ASN H 78 -10.56 -29.54 -22.99
CA ASN H 78 -9.76 -30.76 -22.88
C ASN H 78 -9.01 -31.04 -24.19
O5 UNL I . -3.82 -3.83 11.12
O4 UNL I . -2.50 -3.89 10.76
O3 UNL I . -2.11 -3.32 9.70
O2 UNL I . -2.58 -3.65 8.57
O1 UNL I . -1.96 -3.26 7.40
UNK UNX J . 0.26 -3.02 8.96
UNK UNX K . -1.11 -1.27 7.50
C1 EDO L . -8.15 6.44 0.26
O1 EDO L . -7.48 5.17 0.34
C2 EDO L . -9.46 6.30 -0.50
O2 EDO L . -9.87 4.94 -0.67
C1 EDO M . -9.06 2.78 8.62
O1 EDO M . -10.44 3.03 8.93
C2 EDO M . -8.38 1.87 9.67
O2 EDO M . -8.98 1.98 10.97
O5 UNL N . 1.57 5.10 -10.31
O4 UNL N . 1.95 3.83 -10.00
O3 UNL N . 2.74 3.64 -9.02
O2 UNL N . 2.29 3.16 -7.93
O1 UNL N . 3.16 2.61 -7.01
UNK UNX O . -0.17 3.07 -9.06
C1 EDO P . 6.30 10.00 -6.08
O1 EDO P . 7.01 11.21 -6.35
C2 EDO P . 6.35 9.59 -4.61
O2 EDO P . 6.81 10.64 -3.75
O5 UNL Q . 4.06 -3.71 11.17
O4 UNL Q . 2.99 -3.13 10.52
O3 UNL Q . 2.91 -3.23 9.26
O2 UNL Q . 3.06 -2.22 8.49
O1 UNL Q . 2.60 -2.24 7.19
O7 UNL R . -0.03 0.79 -3.19
O6 UNL R . 0.40 0.69 -1.89
O5 UNL R . -0.08 -0.20 -1.09
O4 UNL R . -0.24 0.08 0.15
O3 UNL R . 0.43 -0.50 1.07
O2 UNL R . -0.11 -0.77 2.19
O1 UNL R . 0.61 -1.36 3.20
C1 EDO S . 9.85 -27.28 -10.81
O1 EDO S . 8.72 -26.76 -11.50
C2 EDO S . 9.86 -26.66 -9.41
O2 EDO S . 8.71 -27.12 -8.72
O5 UNL T . 0.02 -6.42 10.22
O4 UNL T . 0.06 -5.35 9.38
O3 UNL T . 0.01 -5.55 8.12
O2 UNL T . 1.04 -5.48 7.39
O1 UNL T . 1.19 -4.47 6.46
MG MG U . -6.09 -7.93 -4.92
MG MG V . -24.26 -4.29 -3.16
C1 EDO W . -5.13 -10.82 3.79
O1 EDO W . -5.32 -12.17 3.35
C2 EDO W . -4.62 -10.78 5.24
O2 EDO W . -4.91 -11.99 5.98
O5 UNL X . 0.07 -0.13 12.42
O4 UNL X . 0.12 -1.13 11.48
O3 UNL X . 0.44 -0.84 10.28
O2 UNL X . -0.31 -0.12 9.55
O1 UNL X . 0.01 0.12 8.24
MG MG Y . 6.18 9.48 0.72
C1 EDO Z . 5.17 5.64 9.70
O1 EDO Z . 6.18 6.54 9.26
C2 EDO Z . 5.23 5.36 11.20
O2 EDO Z . 5.74 6.47 11.95
O5 UNL AA . 1.29 1.05 -11.83
O4 UNL AA . 0.24 1.07 -10.93
O3 UNL AA . 0.20 0.23 -9.98
O2 UNL AA . 0.10 0.64 -8.78
O1 UNL AA . 0.20 -0.26 -7.73
O5 UNL BA . -1.59 6.09 -9.94
O4 UNL BA . -0.60 5.86 -9.02
O3 UNL BA . -0.80 6.10 -7.79
O2 UNL BA . -0.34 5.32 -6.87
O1 UNL BA . -0.37 5.74 -5.57
UNK UNX CA . -1.61 3.61 -6.85
UNK UNX DA . -1.93 4.33 -10.80
C1 EDO EA . -9.00 4.32 3.82
O1 EDO EA . -7.59 4.54 3.57
C2 EDO EA . -9.74 5.64 3.94
O2 EDO EA . -9.95 6.17 2.62
O5 UNL FA . -3.10 2.43 -11.41
O4 UNL FA . -2.47 2.68 -10.22
O3 UNL FA . -3.08 2.48 -9.12
O2 UNL FA . -2.47 1.99 -8.11
O1 UNL FA . -2.91 2.25 -6.84
C1 EDO GA . -6.68 -4.42 -10.82
O1 EDO GA . -7.67 -5.26 -11.42
C2 EDO GA . -6.42 -4.78 -9.35
O2 EDO GA . -6.58 -6.18 -9.10
#